data_9BFP
#
_entry.id   9BFP
#
_cell.length_a   1.00
_cell.length_b   1.00
_cell.length_c   1.00
_cell.angle_alpha   90.00
_cell.angle_beta   90.00
_cell.angle_gamma   90.00
#
_symmetry.space_group_name_H-M   'P 1'
#
loop_
_entity.id
_entity.type
_entity.pdbx_description
1 polymer 'Protein sevenless'
2 branched 2-acetamido-2-deoxy-beta-D-glucopyranose-(1-4)-2-acetamido-2-deoxy-beta-D-glucopyranose
3 non-polymer 2-acetamido-2-deoxy-beta-D-glucopyranose
#
_entity_poly.entity_id   1
_entity_poly.type   'polypeptide(L)'
_entity_poly.pdbx_seq_one_letter_code
;DVCRSHNYTVHQSPEPVSKDQMRLLRPKLDSDVVEKVAIWHKHAAAAPPSIVEGIAISSRPQSTMAHHPDDRDRDRDPSE
EQHGVDERMVLERVTRDCVQRCIVEEDLFLDEFGIQCEKADNGEKCYKTRCTKGCAQWYRALKELESCQEACLSLQFYPY
DMPCIGACEMAQRDYWHLQRLAISHLVERTQPQLERAPRADGQSTPLTIRWAMHFPEHYLASRPFNIQYQFVDHHGEELD
LEQEDQDASGETGSSAWFNLADYDCDEYYVCEILEALIPYTQYRFRFELPFGENRDEVLYSPATPAYQTPPEGAPISAPV
IEHLMGLDDSHLAVHWHPGRFTNGPIEGYRLRLSSSEGNATSEQLVPAGRGSYIFSQLQAGTNYTLALSMINKQGEGPVA
KGFVQTHSARNEKPAKDLTESVLLVGRRAVMWQSLEPAGENSMIYQSQEELADIAWSKREQQLWLLNVHGELRSLKFESG
QMVSPAQQLKLDLGNISSGRWVPRRLSFDWLHHRLYFAMESPERNQSSFQIISTDLLGESAQKVGESFDLPVEQLEVDAL
NGWIFWRNEESLWRQDLHGRMIHRLLRIRQPGWFLVQPQHFIIHLMLPQEGKFLEISYDGGFKHPLPLPPPSNGAGNGPA
SSHWQSFALLGRSLLLPDSGQLILVEQQGQAASPSASWPLKNLPDCWAVILLVPESQPLTSAGGKPHSLKALLGAQAAKI
SWKEPERNPYQSADAARSWSYELEVLDVASQSAFSIRNIRGPIFGLQRLQPDNLYQLRVRAINVDGEPGEWTEPLAARTW
PLGPHRLRWASRQGSVIHTNELGEGLEVQQEQLERLPGPMTMVNESVGYYVTGDGLLHCINLVHSQWGCPISEPLQHVGS
VTYDWRGGRVYWTDLARNCVVRMDPWSGSRELLPVFEANFLALDPRQGHLYYATSSQLSRHGSTPDEAVTYYRVNGLEGS
IASFVLDTQQDQLFWLVKGSGALRLYRAPLTAGGDSLQMIQQIKGVFQAVPDSLQLLRPLGALLWLERSGRRARLVRLAA
PLDVMELPTPDQASPASALQLLDPQPLPPRDEGVIPMTVLPDSVRLDDGHWDDFHVRWQPSTSGGNHSVSYRLLLEFGQR
LQTLDLSTPFARLTQLPQAQLQLKISITPRTAWRSGDTTRVQLTTPPVAPSQPRRLRVFVERLATALQEANVSAVLRWDA
PEQGQEAPMQALEYHISCWVGSELHEELRLNQSALEARVEHLQPDQTYHFQVEARVAATGAAAGAASHALHVAPEVQAVP
RVLYANAEFIGELDLDTRNRRRLVHTASPVEHLVGIEGEQRLLWVNEHVELLTHVPGSAPAKLARMRAEVLALAVDWIQR
IVYWAELDATAPQAAIIYRLDLCNFEGKILQGERVWSTPRGRLLKDLVALPQAQSLIWLEYEQGSPRNGSLRGRNLTDGS
ELEWATVQPLIRLHAGSLEPGSETLNLVDNQGKLCVYDVARQLCTASALRAQLNLLGEDSIAGQLAQDSGYLYAVKNWSI
RAYGRRRQQLEYTVELEPEEVRLLQAHNYQAYPPKNCLLLPSSGGSLLKATDCEEQRCLLNLPMITASEDCPLPIPGVRY
QLNLTLARGPGSEEHDHGVEPLGQWLLGAGESLNLTDLLPFTRYRVSGILSSFYQKKLALPTLVLAPLELLTASATPSPP
RNFSVRVLSPRELEVSWLPPEQLRSESVYYTLHWQQELDGENVQDRREWEAHERRLETAGTHRLTGIKPGSGYSLWVQAH
ATPTKSNSSERLHVRSFAELPELQLLELGPYSLSLTWAGTPDPLGSLQLECRSSAEQLRRNVAGNHTKMVVEPLQPRTRY
QCRLLLGYAATPGAPLYHGTAEVYETLGDAPSQPGKPQLEHIAEEVFRVTWTAARGNGAPIALYNLEALQARSDINSGGS
LEQLPWAEEPVVVEDQWLDFCNTTELSCIVKSLHSSRLLLFRVRARSLEHGWGPYSEESERVAEPFVSHHHHHHWSHPQF
EK
;
_entity_poly.pdbx_strand_id   A
#
loop_
_chem_comp.id
_chem_comp.type
_chem_comp.name
_chem_comp.formula
NAG D-saccharide, beta linking 2-acetamido-2-deoxy-beta-D-glucopyranose 'C8 H15 N O6'
#
# COMPACT_ATOMS: atom_id res chain seq x y z
N GLY A 84 -0.59 49.25 -4.89
CA GLY A 84 -1.94 49.74 -4.96
C GLY A 84 -2.50 50.12 -3.61
N VAL A 85 -3.81 50.43 -3.57
CA VAL A 85 -4.45 50.79 -2.31
C VAL A 85 -4.83 49.53 -1.53
N ASP A 86 -4.94 48.40 -2.22
CA ASP A 86 -5.20 47.13 -1.54
C ASP A 86 -3.93 46.60 -0.87
N GLU A 87 -2.77 46.98 -1.40
CA GLU A 87 -1.50 46.53 -0.82
C GLU A 87 -1.19 47.27 0.48
N ARG A 88 -1.51 48.57 0.52
CA ARG A 88 -1.15 49.42 1.66
C ARG A 88 -2.01 49.12 2.88
N MET A 89 -3.24 48.62 2.67
CA MET A 89 -4.07 48.16 3.77
C MET A 89 -3.52 46.87 4.38
N VAL A 90 -2.94 46.01 3.54
CA VAL A 90 -2.31 44.77 4.01
C VAL A 90 -1.03 45.06 4.78
N LEU A 91 -0.23 46.02 4.30
CA LEU A 91 0.98 46.48 4.99
C LEU A 91 0.67 47.18 6.32
N GLU A 92 -0.39 48.00 6.36
CA GLU A 92 -0.78 48.67 7.58
C GLU A 92 -1.39 47.71 8.60
N ARG A 93 -2.11 46.69 8.13
CA ARG A 93 -2.70 45.68 9.01
C ARG A 93 -1.63 44.77 9.61
N VAL A 94 -0.64 44.37 8.79
CA VAL A 94 0.44 43.50 9.25
C VAL A 94 1.38 44.25 10.21
N THR A 95 1.67 45.54 9.91
CA THR A 95 2.52 46.36 10.76
C THR A 95 1.83 46.72 12.09
N ARG A 96 0.52 46.97 12.04
CA ARG A 96 -0.25 47.27 13.25
C ARG A 96 -0.43 46.05 14.13
N ASP A 97 -0.65 44.87 13.53
CA ASP A 97 -0.73 43.61 14.28
C ASP A 97 0.62 43.19 14.83
N CYS A 98 1.71 43.54 14.13
CA CYS A 98 3.06 43.25 14.60
C CYS A 98 3.44 44.11 15.80
N VAL A 99 3.10 45.42 15.76
CA VAL A 99 3.38 46.34 16.86
C VAL A 99 2.51 46.01 18.09
N GLN A 100 1.25 45.61 17.87
CA GLN A 100 0.38 45.17 18.97
C GLN A 100 0.83 43.83 19.57
N ARG A 101 1.40 42.95 18.73
CA ARG A 101 2.01 41.71 19.20
C ARG A 101 3.28 41.95 20.00
N CYS A 102 4.05 42.99 19.67
CA CYS A 102 5.20 43.34 20.51
C CYS A 102 4.77 44.03 21.80
N ILE A 103 3.61 44.70 21.78
CA ILE A 103 3.07 45.30 23.00
C ILE A 103 2.62 44.24 23.99
N VAL A 104 1.88 43.22 23.50
CA VAL A 104 1.25 42.25 24.41
C VAL A 104 2.28 41.24 24.94
N GLU A 105 3.32 40.94 24.18
CA GLU A 105 4.29 39.89 24.52
C GLU A 105 5.59 40.45 25.08
N GLU A 106 5.56 41.59 25.76
CA GLU A 106 6.79 42.22 26.22
C GLU A 106 7.34 41.61 27.49
N ASP A 107 6.56 40.81 28.20
CA ASP A 107 6.99 40.15 29.43
C ASP A 107 6.90 38.63 29.37
N LEU A 108 6.76 38.07 28.17
CA LEU A 108 6.46 36.65 28.03
C LEU A 108 7.72 35.80 27.95
N PHE A 109 8.80 36.37 27.46
CA PHE A 109 10.04 35.65 27.17
C PHE A 109 11.11 36.14 28.14
N LEU A 110 11.90 35.24 28.72
CA LEU A 110 13.09 35.70 29.44
C LEU A 110 14.24 35.75 28.43
N ASP A 111 14.91 36.89 28.37
CA ASP A 111 15.95 37.12 27.39
C ASP A 111 17.23 36.44 27.89
N GLU A 112 18.20 36.22 26.99
CA GLU A 112 19.42 35.43 27.35
C GLU A 112 20.34 36.16 28.33
N PHE A 113 20.28 37.49 28.35
CA PHE A 113 21.13 38.25 29.27
C PHE A 113 20.42 38.66 30.55
N GLY A 114 19.13 38.36 30.70
CA GLY A 114 18.37 38.76 31.87
C GLY A 114 18.11 40.25 31.91
N ILE A 115 17.30 40.73 30.96
CA ILE A 115 17.16 42.18 30.76
C ILE A 115 16.21 42.77 31.79
N GLN A 116 14.95 42.33 31.77
CA GLN A 116 13.85 42.66 32.71
C GLN A 116 13.57 44.15 32.76
N CYS A 117 13.14 44.68 31.61
CA CYS A 117 12.73 46.07 31.53
C CYS A 117 11.35 46.27 32.14
N GLU A 118 11.03 47.53 32.39
CA GLU A 118 9.69 47.91 32.80
C GLU A 118 8.79 48.07 31.59
N LYS A 119 7.53 48.40 31.85
CA LYS A 119 6.55 48.49 30.77
C LYS A 119 6.68 49.78 29.96
N ALA A 120 7.32 50.81 30.52
CA ALA A 120 7.61 52.04 29.79
C ALA A 120 9.06 52.44 30.08
N ASP A 121 9.99 51.92 29.28
CA ASP A 121 11.40 52.26 29.41
C ASP A 121 11.97 52.88 28.14
N ASN A 122 11.66 52.28 26.98
CA ASN A 122 12.03 52.71 25.61
C ASN A 122 13.54 52.78 25.41
N GLY A 123 14.26 51.84 26.02
CA GLY A 123 15.68 51.72 25.83
C GLY A 123 15.98 50.53 24.94
N GLU A 124 17.19 50.48 24.37
CA GLU A 124 17.54 49.42 23.39
C GLU A 124 17.54 48.02 24.00
N LYS A 125 17.84 47.89 25.29
CA LYS A 125 17.96 46.57 25.89
C LYS A 125 16.67 45.77 25.85
N CYS A 126 15.51 46.45 25.85
CA CYS A 126 14.22 45.83 26.15
C CYS A 126 13.70 45.01 24.98
N TYR A 127 12.65 44.22 25.28
CA TYR A 127 11.97 43.42 24.26
C TYR A 127 11.23 44.29 23.26
N LYS A 128 10.68 45.42 23.72
CA LYS A 128 9.77 46.24 22.94
C LYS A 128 10.48 46.99 21.83
N THR A 129 11.67 47.52 22.10
CA THR A 129 12.42 48.30 21.12
C THR A 129 13.02 47.41 20.03
N ARG A 130 13.56 46.24 20.42
CA ARG A 130 14.08 45.29 19.44
C ARG A 130 12.98 44.61 18.65
N CYS A 131 11.81 44.39 19.26
CA CYS A 131 10.72 43.77 18.54
C CYS A 131 10.05 44.77 17.60
N THR A 132 10.01 46.05 17.99
CA THR A 132 9.51 47.10 17.10
C THR A 132 10.51 47.42 15.99
N LYS A 133 11.80 47.17 16.25
CA LYS A 133 12.80 47.13 15.18
C LYS A 133 12.57 45.96 14.23
N GLY A 134 12.02 44.85 14.74
CA GLY A 134 11.59 43.76 13.87
C GLY A 134 10.41 44.06 12.98
N CYS A 135 9.47 44.87 13.45
CA CYS A 135 8.29 45.21 12.65
C CYS A 135 8.48 46.46 11.81
N ALA A 136 9.66 47.05 11.81
CA ALA A 136 9.95 48.15 10.90
C ALA A 136 10.77 47.72 9.70
N GLN A 137 11.27 46.50 9.68
CA GLN A 137 12.17 46.00 8.64
C GLN A 137 11.68 44.69 8.06
N TRP A 138 10.38 44.45 8.05
CA TRP A 138 9.85 43.24 7.43
C TRP A 138 9.57 43.43 5.94
N TYR A 139 9.18 44.62 5.51
CA TYR A 139 8.92 44.91 4.11
C TYR A 139 10.17 45.33 3.37
N ARG A 140 11.16 45.88 4.09
CA ARG A 140 12.47 46.11 3.53
C ARG A 140 13.21 44.79 3.29
N ALA A 141 12.92 43.77 4.10
CA ALA A 141 13.57 42.48 3.88
C ALA A 141 12.93 41.68 2.74
N LEU A 142 11.70 42.00 2.34
CA LEU A 142 11.14 41.18 1.25
C LEU A 142 11.60 41.78 -0.06
N LYS A 143 11.48 43.10 -0.19
CA LYS A 143 11.84 43.78 -1.46
C LYS A 143 13.35 43.66 -1.70
N GLU A 144 14.15 43.94 -0.68
CA GLU A 144 15.63 43.84 -0.81
C GLU A 144 16.01 42.36 -0.88
N LEU A 145 15.06 41.47 -0.62
CA LEU A 145 15.30 40.00 -0.75
C LEU A 145 16.41 39.56 0.19
N GLU A 146 16.50 40.17 1.37
CA GLU A 146 17.49 39.72 2.37
C GLU A 146 16.77 38.89 3.42
N SER A 147 17.46 37.97 4.09
CA SER A 147 16.84 37.23 5.17
C SER A 147 16.50 38.15 6.33
N CYS A 148 15.70 37.64 7.27
CA CYS A 148 15.40 38.39 8.48
C CYS A 148 16.58 38.45 9.43
N GLN A 149 17.46 37.45 9.40
CA GLN A 149 18.69 37.49 10.18
C GLN A 149 19.69 38.47 9.60
N GLU A 150 19.70 38.62 8.27
CA GLU A 150 20.57 39.59 7.63
C GLU A 150 20.08 41.01 7.85
N ALA A 151 18.75 41.20 7.87
CA ALA A 151 18.17 42.51 8.13
C ALA A 151 18.29 42.91 9.59
N CYS A 152 18.15 41.98 10.51
CA CYS A 152 18.29 42.27 11.94
C CYS A 152 19.67 41.85 12.42
N LEU A 153 20.66 42.65 12.01
CA LEU A 153 22.05 42.42 12.35
C LEU A 153 22.52 43.60 13.19
N SER A 154 22.62 43.39 14.49
CA SER A 154 22.99 44.44 15.43
C SER A 154 24.38 44.18 15.98
N LEU A 155 25.15 45.25 16.15
CA LEU A 155 26.49 45.13 16.72
C LEU A 155 26.43 44.91 18.22
N GLN A 156 25.36 45.39 18.87
CA GLN A 156 25.20 45.21 20.31
C GLN A 156 24.81 43.78 20.64
N PHE A 157 23.89 43.21 19.87
CA PHE A 157 23.40 41.85 20.09
C PHE A 157 23.90 40.97 18.95
N TYR A 158 24.98 40.23 19.22
CA TYR A 158 25.68 39.41 18.26
C TYR A 158 25.73 37.98 18.77
N PRO A 159 25.54 36.97 17.91
CA PRO A 159 25.29 37.00 16.45
C PRO A 159 23.82 37.16 16.05
N TYR A 160 22.87 36.91 16.93
CA TYR A 160 21.45 36.94 16.57
C TYR A 160 20.68 37.77 17.58
N ASP A 161 19.77 38.60 17.07
CA ASP A 161 18.84 39.37 17.88
C ASP A 161 17.49 38.68 17.76
N MET A 162 17.12 37.93 18.79
CA MET A 162 15.88 37.14 18.80
C MET A 162 14.53 37.86 18.68
N PRO A 163 14.23 39.03 19.33
CA PRO A 163 12.93 39.66 19.06
C PRO A 163 12.80 40.31 17.69
N CYS A 164 13.91 40.80 17.12
CA CYS A 164 13.87 41.45 15.82
C CYS A 164 13.68 40.43 14.72
N ILE A 165 14.41 39.31 14.81
CA ILE A 165 14.32 38.21 13.84
C ILE A 165 12.96 37.51 13.95
N GLY A 166 12.47 37.32 15.19
CA GLY A 166 11.17 36.71 15.40
C GLY A 166 9.99 37.55 14.95
N ALA A 167 10.05 38.87 15.17
CA ALA A 167 9.02 39.79 14.72
C ALA A 167 9.02 39.95 13.20
N CYS A 168 10.22 39.86 12.59
CA CYS A 168 10.35 39.86 11.13
C CYS A 168 9.72 38.63 10.49
N GLU A 169 9.93 37.43 11.08
CA GLU A 169 9.31 36.25 10.50
C GLU A 169 7.81 36.11 10.74
N MET A 170 7.26 36.54 11.90
CA MET A 170 5.79 36.56 12.02
C MET A 170 5.13 37.64 11.16
N ALA A 171 5.80 38.79 10.93
CA ALA A 171 5.23 39.79 10.04
C ALA A 171 5.31 39.36 8.58
N GLN A 172 6.37 38.64 8.20
CA GLN A 172 6.50 38.13 6.83
C GLN A 172 5.50 37.00 6.54
N ARG A 173 5.27 36.09 7.50
CA ARG A 173 4.28 35.06 7.22
C ARG A 173 2.84 35.56 7.39
N ASP A 174 2.63 36.67 8.13
CA ASP A 174 1.32 37.31 8.12
C ASP A 174 1.03 37.99 6.79
N TYR A 175 2.05 38.59 6.18
CA TYR A 175 1.94 39.15 4.83
C TYR A 175 1.68 38.08 3.79
N TRP A 176 2.37 36.95 3.89
CA TRP A 176 2.15 35.88 2.90
C TRP A 176 0.84 35.15 3.13
N HIS A 177 0.32 35.14 4.36
CA HIS A 177 -1.00 34.57 4.61
C HIS A 177 -2.11 35.46 4.05
N LEU A 178 -1.95 36.79 4.17
CA LEU A 178 -2.92 37.71 3.56
C LEU A 178 -2.84 37.73 2.04
N GLN A 179 -1.64 37.59 1.47
CA GLN A 179 -1.54 37.43 0.01
C GLN A 179 -1.96 36.04 -0.47
N ARG A 180 -1.97 35.03 0.40
CA ARG A 180 -2.55 33.74 0.02
C ARG A 180 -4.07 33.81 -0.04
N LEU A 181 -4.70 34.49 0.95
CA LEU A 181 -6.16 34.60 0.89
C LEU A 181 -6.63 35.68 -0.09
N ALA A 182 -5.73 36.54 -0.55
CA ALA A 182 -6.14 37.62 -1.45
C ALA A 182 -6.36 37.12 -2.87
N ILE A 183 -5.73 36.00 -3.25
CA ILE A 183 -5.59 35.65 -4.66
C ILE A 183 -6.17 34.25 -4.96
N SER A 184 -6.66 33.55 -3.94
CA SER A 184 -6.88 32.09 -4.00
C SER A 184 -8.09 31.70 -4.84
N HIS A 185 -9.07 32.62 -4.97
CA HIS A 185 -10.19 32.37 -5.88
C HIS A 185 -9.75 32.50 -7.33
N LEU A 186 -8.88 33.48 -7.62
CA LEU A 186 -8.43 33.71 -8.98
C LEU A 186 -7.32 32.73 -9.34
N VAL A 187 -6.64 32.17 -8.34
CA VAL A 187 -5.72 31.06 -8.58
C VAL A 187 -6.50 29.79 -8.91
N GLU A 188 -7.46 29.42 -8.06
CA GLU A 188 -8.13 28.13 -8.21
C GLU A 188 -9.34 28.17 -9.14
N ARG A 189 -9.62 29.30 -9.80
CA ARG A 189 -10.72 29.35 -10.75
C ARG A 189 -10.27 29.45 -12.21
N THR A 190 -9.05 29.93 -12.50
CA THR A 190 -8.61 30.04 -13.87
C THR A 190 -7.69 28.89 -14.24
N GLN A 191 -7.90 28.33 -15.41
CA GLN A 191 -7.48 27.00 -15.77
C GLN A 191 -6.44 27.06 -16.88
N PRO A 192 -5.30 26.35 -16.76
CA PRO A 192 -4.26 26.44 -17.79
C PRO A 192 -4.61 25.66 -19.05
N GLN A 193 -4.07 26.12 -20.17
CA GLN A 193 -4.35 25.57 -21.48
C GLN A 193 -3.05 25.14 -22.15
N LEU A 194 -3.06 23.99 -22.81
CA LEU A 194 -1.89 23.51 -23.55
C LEU A 194 -2.05 23.91 -25.01
N GLU A 195 -0.99 24.46 -25.58
CA GLU A 195 -0.94 24.81 -27.00
C GLU A 195 0.29 24.19 -27.63
N ARG A 196 0.17 23.78 -28.89
CA ARG A 196 1.29 23.17 -29.61
C ARG A 196 1.24 23.50 -31.09
N THR A 205 8.33 20.67 -32.35
CA THR A 205 8.00 21.76 -31.47
C THR A 205 7.86 21.29 -30.02
N PRO A 206 8.42 22.04 -29.06
CA PRO A 206 8.24 21.67 -27.66
C PRO A 206 6.86 22.01 -27.15
N LEU A 207 6.50 21.38 -26.03
CA LEU A 207 5.19 21.54 -25.42
C LEU A 207 5.11 22.85 -24.68
N THR A 208 3.98 23.55 -24.83
CA THR A 208 3.81 24.90 -24.31
C THR A 208 2.54 24.96 -23.46
N ILE A 209 2.67 25.40 -22.21
CA ILE A 209 1.54 25.64 -21.32
C ILE A 209 1.25 27.14 -21.30
N ARG A 210 -0.01 27.51 -21.47
CA ARG A 210 -0.47 28.89 -21.34
C ARG A 210 -1.38 28.98 -20.13
N TRP A 211 -1.10 29.95 -19.26
CA TRP A 211 -1.82 30.12 -18.00
C TRP A 211 -2.12 31.59 -17.81
N ALA A 212 -3.28 32.03 -18.32
CA ALA A 212 -3.61 33.45 -18.41
C ALA A 212 -4.12 33.97 -17.07
N MET A 213 -3.17 34.33 -16.21
CA MET A 213 -3.47 34.96 -14.93
C MET A 213 -2.92 36.37 -14.93
N HIS A 214 -3.76 37.32 -14.51
CA HIS A 214 -3.35 38.71 -14.34
C HIS A 214 -3.08 38.96 -12.85
N PHE A 215 -1.82 38.78 -12.47
CA PHE A 215 -1.48 38.89 -11.02
C PHE A 215 -1.50 40.36 -10.64
N PRO A 216 -1.76 40.72 -9.35
CA PRO A 216 -1.70 42.11 -8.94
C PRO A 216 -0.24 42.60 -9.03
N GLU A 217 -0.04 43.89 -9.28
CA GLU A 217 1.32 44.46 -9.36
C GLU A 217 1.98 44.29 -7.98
N HIS A 218 1.17 44.17 -6.93
CA HIS A 218 1.67 43.99 -5.55
C HIS A 218 2.46 42.68 -5.42
N TYR A 219 2.26 41.71 -6.32
CA TYR A 219 2.95 40.39 -6.30
C TYR A 219 2.50 39.55 -5.09
N PRO A 224 8.45 32.20 -7.56
CA PRO A 224 8.98 30.88 -7.19
C PRO A 224 7.99 29.77 -7.51
N PHE A 225 7.41 29.82 -8.70
CA PHE A 225 6.39 28.88 -9.10
C PHE A 225 7.00 27.54 -9.49
N ASN A 226 6.22 26.48 -9.32
CA ASN A 226 6.58 25.13 -9.76
C ASN A 226 5.52 24.62 -10.71
N ILE A 227 5.94 23.98 -11.78
CA ILE A 227 5.05 23.26 -12.66
C ILE A 227 5.11 21.79 -12.29
N GLN A 228 3.95 21.17 -12.11
CA GLN A 228 3.85 19.78 -11.73
C GLN A 228 3.23 18.98 -12.87
N TYR A 229 3.46 17.67 -12.86
CA TYR A 229 2.83 16.79 -13.84
C TYR A 229 2.30 15.56 -13.12
N GLN A 230 1.27 14.96 -13.71
CA GLN A 230 0.69 13.74 -13.19
C GLN A 230 0.36 12.81 -14.35
N PHE A 231 0.65 11.52 -14.17
CA PHE A 231 0.30 10.50 -15.15
C PHE A 231 -1.19 10.19 -15.02
N VAL A 232 -1.93 10.34 -16.12
CA VAL A 232 -3.32 9.91 -16.13
C VAL A 232 -3.38 8.41 -16.39
N ASP A 233 -4.15 7.70 -15.56
CA ASP A 233 -4.35 6.23 -15.45
C ASP A 233 -3.10 5.36 -15.59
N SER A 255 -2.11 8.77 -10.22
CA SER A 255 -0.85 8.65 -9.50
C SER A 255 -0.63 9.85 -8.58
N ALA A 256 0.62 10.08 -8.21
CA ALA A 256 0.98 11.28 -7.47
C ALA A 256 1.47 12.36 -8.41
N TRP A 257 1.46 13.60 -7.95
CA TRP A 257 1.98 14.70 -8.75
C TRP A 257 3.49 14.80 -8.58
N PHE A 258 4.20 14.85 -9.70
CA PHE A 258 5.65 14.92 -9.72
C PHE A 258 6.08 16.30 -10.18
N ASN A 259 7.14 16.82 -9.59
CA ASN A 259 7.66 18.14 -9.92
C ASN A 259 8.43 18.07 -11.24
N LEU A 260 8.05 18.90 -12.19
CA LEU A 260 8.79 19.01 -13.43
C LEU A 260 10.00 19.90 -13.23
N ALA A 261 11.07 19.59 -13.95
CA ALA A 261 12.37 20.22 -13.71
C ALA A 261 12.77 21.25 -14.76
N ASP A 262 12.61 20.93 -16.04
CA ASP A 262 13.15 21.75 -17.12
C ASP A 262 12.00 22.54 -17.77
N TYR A 263 11.92 23.83 -17.44
CA TYR A 263 10.93 24.71 -18.04
C TYR A 263 11.50 26.10 -18.24
N ASP A 264 11.18 26.70 -19.39
CA ASP A 264 11.54 28.08 -19.73
C ASP A 264 10.24 28.85 -19.90
N CYS A 265 10.09 29.93 -19.14
CA CYS A 265 8.80 30.62 -19.03
C CYS A 265 8.96 32.11 -19.28
N ASP A 266 7.93 32.70 -19.88
CA ASP A 266 7.82 34.13 -20.10
C ASP A 266 7.26 34.75 -18.80
N GLU A 267 7.33 36.09 -18.70
CA GLU A 267 6.76 36.78 -17.55
C GLU A 267 5.25 36.87 -17.61
N TYR A 268 4.63 36.61 -18.78
CA TYR A 268 3.19 36.46 -18.89
C TYR A 268 2.72 35.02 -18.71
N TYR A 269 3.59 34.14 -18.18
CA TYR A 269 3.37 32.76 -17.77
C TYR A 269 2.94 31.86 -18.93
N VAL A 270 3.51 32.12 -20.10
CA VAL A 270 3.49 31.17 -21.22
C VAL A 270 4.73 30.30 -21.04
N CYS A 271 4.52 29.06 -20.63
CA CYS A 271 5.61 28.21 -20.16
C CYS A 271 5.92 27.10 -21.16
N GLU A 272 7.17 27.05 -21.59
CA GLU A 272 7.64 26.05 -22.54
C GLU A 272 8.29 24.90 -21.78
N ILE A 273 7.93 23.67 -22.16
CA ILE A 273 8.42 22.48 -21.48
C ILE A 273 9.63 21.94 -22.24
N LEU A 274 10.77 21.88 -21.58
CA LEU A 274 12.00 21.38 -22.17
C LEU A 274 12.39 20.01 -21.64
N GLU A 275 11.67 19.48 -20.66
CA GLU A 275 11.94 18.15 -20.14
C GLU A 275 11.44 17.10 -21.13
N ALA A 276 12.29 16.12 -21.44
CA ALA A 276 11.91 15.06 -22.35
C ALA A 276 10.95 14.09 -21.67
N LEU A 277 9.78 13.93 -22.28
CA LEU A 277 8.68 13.17 -21.70
C LEU A 277 8.57 11.79 -22.34
N ILE A 278 7.84 10.91 -21.68
CA ILE A 278 7.67 9.53 -22.15
C ILE A 278 6.66 9.53 -23.30
N PRO A 279 6.99 8.94 -24.47
CA PRO A 279 6.05 8.97 -25.60
C PRO A 279 4.90 8.00 -25.43
N TYR A 280 3.73 8.40 -25.98
CA TYR A 280 2.43 7.73 -25.93
C TYR A 280 2.01 7.47 -24.48
N THR A 281 1.88 8.58 -23.74
CA THR A 281 1.34 8.60 -22.39
C THR A 281 0.40 9.79 -22.28
N GLN A 282 -0.48 9.77 -21.28
CA GLN A 282 -1.33 10.91 -21.00
C GLN A 282 -0.74 11.71 -19.84
N TYR A 283 -0.64 13.03 -20.02
CA TYR A 283 -0.04 13.92 -19.03
C TYR A 283 -1.01 15.02 -18.66
N ARG A 284 -1.23 15.22 -17.37
CA ARG A 284 -1.99 16.34 -16.85
C ARG A 284 -1.07 17.22 -16.00
N PHE A 285 -1.18 18.53 -16.19
CA PHE A 285 -0.25 19.50 -15.62
C PHE A 285 -0.99 20.51 -14.74
N ARG A 286 -0.25 21.08 -13.78
CA ARG A 286 -0.74 22.17 -12.95
C ARG A 286 0.43 23.03 -12.51
N PHE A 287 0.10 24.23 -12.02
CA PHE A 287 1.07 25.19 -11.51
C PHE A 287 0.98 25.23 -9.99
N GLU A 288 2.02 24.74 -9.31
CA GLU A 288 2.10 24.87 -7.86
C GLU A 288 2.68 26.23 -7.51
N LEU A 289 1.93 27.04 -6.76
CA LEU A 289 2.38 28.42 -6.41
C LEU A 289 2.65 28.48 -4.91
N PRO A 290 3.93 28.46 -4.47
CA PRO A 290 4.27 28.56 -3.07
C PRO A 290 4.47 30.04 -2.72
N PHE A 291 3.64 30.58 -1.83
CA PHE A 291 3.72 32.01 -1.47
C PHE A 291 4.99 32.29 -0.67
N GLY A 292 5.31 31.43 0.28
CA GLY A 292 6.50 31.60 1.13
C GLY A 292 6.92 30.22 1.60
N GLU A 293 7.90 30.13 2.50
CA GLU A 293 8.48 28.80 2.87
C GLU A 293 7.39 27.90 3.47
N ASN A 294 6.38 28.49 4.11
CA ASN A 294 5.31 27.68 4.78
C ASN A 294 4.63 26.78 3.74
N ARG A 295 4.42 25.50 4.07
CA ARG A 295 3.79 24.53 3.15
C ARG A 295 2.34 24.92 2.86
N ASP A 296 1.62 25.42 3.87
CA ASP A 296 0.18 25.77 3.71
C ASP A 296 0.04 26.90 2.68
N GLU A 297 1.07 27.73 2.53
CA GLU A 297 1.00 28.90 1.60
C GLU A 297 0.80 28.41 0.17
N VAL A 298 1.19 27.17 -0.13
CA VAL A 298 1.12 26.67 -1.53
C VAL A 298 -0.32 26.68 -2.03
N LEU A 299 -0.56 27.26 -3.20
CA LEU A 299 -1.91 27.26 -3.82
C LEU A 299 -1.74 26.54 -5.15
N TYR A 300 -2.60 25.58 -5.45
CA TYR A 300 -2.52 24.75 -6.65
C TYR A 300 -3.46 25.28 -7.73
N SER A 301 -2.99 25.26 -8.97
CA SER A 301 -3.78 25.66 -10.12
C SER A 301 -4.72 24.51 -10.52
N PRO A 302 -5.82 24.79 -11.22
CA PRO A 302 -6.71 23.71 -11.69
C PRO A 302 -6.11 22.82 -12.77
N ALA A 303 -6.79 21.70 -12.97
CA ALA A 303 -6.34 20.61 -13.83
C ALA A 303 -6.47 20.95 -15.31
N THR A 304 -5.59 20.34 -16.10
CA THR A 304 -5.46 20.53 -17.54
C THR A 304 -6.13 19.34 -18.24
N PRO A 305 -6.55 19.48 -19.52
CA PRO A 305 -6.82 18.29 -20.33
C PRO A 305 -5.59 17.41 -20.49
N ALA A 306 -5.84 16.11 -20.55
CA ALA A 306 -4.76 15.14 -20.70
C ALA A 306 -4.22 15.16 -22.11
N TYR A 307 -2.89 15.08 -22.23
CA TYR A 307 -2.18 15.31 -23.48
C TYR A 307 -1.53 14.03 -23.96
N GLN A 308 -1.85 13.62 -25.19
CA GLN A 308 -1.16 12.53 -25.85
C GLN A 308 0.20 13.03 -26.32
N THR A 309 1.27 12.47 -25.75
CA THR A 309 2.60 12.69 -26.29
C THR A 309 2.73 11.99 -27.64
N PRO A 310 3.50 12.55 -28.59
CA PRO A 310 3.66 11.89 -29.89
C PRO A 310 4.55 10.68 -29.78
N PRO A 311 4.20 9.57 -30.44
CA PRO A 311 4.95 8.33 -30.21
C PRO A 311 6.21 8.24 -31.05
N GLU A 312 7.25 7.66 -30.44
CA GLU A 312 8.51 7.36 -31.11
C GLU A 312 9.18 6.18 -30.44
N GLY A 313 9.89 5.39 -31.25
CA GLY A 313 10.81 4.41 -30.73
C GLY A 313 10.17 3.10 -30.27
N ALA A 314 11.04 2.23 -29.76
CA ALA A 314 10.68 0.92 -29.25
C ALA A 314 9.92 1.06 -27.94
N PRO A 315 9.10 0.06 -27.57
CA PRO A 315 8.54 0.05 -26.21
C PRO A 315 9.59 -0.19 -25.14
N ILE A 316 9.36 0.39 -23.97
CA ILE A 316 10.30 0.29 -22.87
C ILE A 316 9.74 -0.49 -21.69
N SER A 317 8.50 -0.95 -21.77
CA SER A 317 7.90 -1.75 -20.71
C SER A 317 7.51 -3.12 -21.25
N ALA A 318 7.81 -4.15 -20.48
CA ALA A 318 7.46 -5.51 -20.82
C ALA A 318 5.96 -5.73 -20.64
N PRO A 319 5.35 -6.66 -21.39
CA PRO A 319 3.97 -7.05 -21.10
C PRO A 319 3.84 -7.79 -19.78
N VAL A 320 2.69 -7.64 -19.15
CA VAL A 320 2.46 -8.19 -17.82
C VAL A 320 1.71 -9.51 -17.96
N ILE A 321 2.37 -10.60 -17.60
CA ILE A 321 1.77 -11.92 -17.71
C ILE A 321 0.89 -12.17 -16.51
N GLU A 322 -0.42 -12.29 -16.75
CA GLU A 322 -1.34 -12.53 -15.64
C GLU A 322 -1.35 -14.00 -15.23
N HIS A 323 -1.74 -14.88 -16.15
CA HIS A 323 -1.83 -16.31 -15.88
C HIS A 323 -1.08 -17.04 -16.98
N LEU A 324 -0.04 -17.78 -16.60
CA LEU A 324 0.70 -18.64 -17.51
C LEU A 324 0.65 -20.04 -16.94
N MET A 325 0.08 -20.98 -17.68
CA MET A 325 -0.28 -22.27 -17.10
C MET A 325 -0.26 -23.35 -18.16
N GLY A 326 -0.14 -24.60 -17.70
CA GLY A 326 -0.15 -25.75 -18.58
C GLY A 326 -1.49 -26.46 -18.48
N LEU A 327 -2.12 -26.67 -19.63
CA LEU A 327 -3.45 -27.27 -19.65
C LEU A 327 -3.37 -28.79 -19.53
N ASP A 328 -2.57 -29.42 -20.37
CA ASP A 328 -2.35 -30.87 -20.30
C ASP A 328 -0.93 -31.13 -20.80
N ASP A 329 -0.67 -32.36 -21.22
CA ASP A 329 0.67 -32.78 -21.65
C ASP A 329 1.09 -32.17 -22.99
N SER A 330 0.16 -31.68 -23.81
CA SER A 330 0.51 -31.09 -25.10
C SER A 330 -0.07 -29.70 -25.30
N HIS A 331 -0.47 -29.01 -24.23
CA HIS A 331 -1.02 -27.66 -24.35
C HIS A 331 -0.47 -26.77 -23.24
N LEU A 332 -0.45 -25.47 -23.49
CA LEU A 332 0.15 -24.51 -22.60
C LEU A 332 -0.49 -23.15 -22.85
N ALA A 333 -1.07 -22.54 -21.82
CA ALA A 333 -1.86 -21.34 -21.97
C ALA A 333 -1.15 -20.15 -21.32
N VAL A 334 -1.26 -18.99 -21.96
CA VAL A 334 -0.76 -17.75 -21.39
C VAL A 334 -1.83 -16.67 -21.57
N HIS A 335 -2.05 -15.88 -20.53
CA HIS A 335 -2.90 -14.70 -20.58
C HIS A 335 -2.09 -13.50 -20.14
N TRP A 336 -2.25 -12.38 -20.85
CA TRP A 336 -1.49 -11.19 -20.52
C TRP A 336 -2.34 -9.96 -20.80
N HIS A 337 -1.99 -8.87 -20.12
CA HIS A 337 -2.48 -7.53 -20.41
C HIS A 337 -1.23 -6.70 -20.66
N PRO A 338 -1.32 -5.62 -21.46
CA PRO A 338 -0.12 -4.85 -21.78
C PRO A 338 0.42 -4.03 -20.61
N GLY A 339 1.72 -3.77 -20.67
CA GLY A 339 2.39 -2.92 -19.72
C GLY A 339 2.11 -1.44 -19.95
N ARG A 340 2.73 -0.63 -19.10
CA ARG A 340 2.27 0.74 -18.90
C ARG A 340 2.77 1.68 -19.99
N PHE A 341 4.02 1.51 -20.40
CA PHE A 341 4.64 2.39 -21.39
C PHE A 341 4.81 1.63 -22.69
N THR A 342 4.12 2.08 -23.73
CA THR A 342 3.94 1.30 -24.94
C THR A 342 4.64 1.96 -26.14
N ASN A 343 4.73 3.30 -26.12
CA ASN A 343 5.44 4.18 -27.07
C ASN A 343 4.95 4.03 -28.50
N GLY A 344 3.64 3.81 -28.67
CA GLY A 344 3.03 3.67 -29.97
C GLY A 344 1.79 2.82 -29.88
N PRO A 345 0.99 2.77 -30.95
CA PRO A 345 -0.10 1.78 -30.99
C PRO A 345 0.48 0.40 -31.24
N ILE A 346 -0.17 -0.61 -30.66
CA ILE A 346 0.34 -1.98 -30.74
C ILE A 346 0.01 -2.54 -32.11
N GLU A 347 1.03 -2.98 -32.84
CA GLU A 347 0.84 -3.72 -34.08
C GLU A 347 0.70 -5.21 -33.84
N GLY A 348 1.20 -5.72 -32.73
CA GLY A 348 1.10 -7.14 -32.45
C GLY A 348 2.00 -7.50 -31.28
N TYR A 349 2.16 -8.81 -31.11
CA TYR A 349 3.00 -9.36 -30.06
C TYR A 349 3.95 -10.35 -30.68
N ARG A 350 4.97 -10.73 -29.91
CA ARG A 350 5.87 -11.80 -30.31
C ARG A 350 5.99 -12.78 -29.17
N LEU A 351 5.46 -13.98 -29.36
CA LEU A 351 5.55 -15.05 -28.38
C LEU A 351 6.56 -16.07 -28.86
N ARG A 352 7.55 -16.37 -28.03
CA ARG A 352 8.58 -17.34 -28.34
C ARG A 352 8.66 -18.37 -27.23
N LEU A 353 8.23 -19.58 -27.53
CA LEU A 353 8.31 -20.70 -26.61
C LEU A 353 9.56 -21.51 -26.93
N SER A 354 10.45 -21.64 -25.96
CA SER A 354 11.69 -22.39 -26.14
C SER A 354 11.81 -23.42 -25.02
N SER A 355 12.31 -24.59 -25.37
CA SER A 355 12.47 -25.66 -24.40
C SER A 355 13.74 -25.46 -23.57
N SER A 356 13.72 -26.00 -22.34
CA SER A 356 14.93 -25.99 -21.52
C SER A 356 15.94 -27.02 -22.00
N GLU A 357 15.45 -28.19 -22.40
CA GLU A 357 16.28 -29.25 -22.98
C GLU A 357 15.73 -29.58 -24.37
N GLY A 358 16.17 -28.82 -25.37
CA GLY A 358 15.70 -29.00 -26.73
C GLY A 358 16.26 -27.93 -27.62
N ASN A 359 16.10 -28.15 -28.93
CA ASN A 359 16.63 -27.23 -29.93
C ASN A 359 15.55 -26.62 -30.82
N ALA A 360 14.28 -26.92 -30.56
CA ALA A 360 13.17 -26.43 -31.38
C ALA A 360 12.42 -25.35 -30.63
N THR A 361 12.48 -24.12 -31.15
CA THR A 361 11.75 -22.98 -30.60
C THR A 361 10.64 -22.57 -31.56
N SER A 362 9.49 -22.22 -31.00
CA SER A 362 8.32 -21.82 -31.78
C SER A 362 8.05 -20.34 -31.58
N GLU A 363 8.03 -19.60 -32.69
CA GLU A 363 7.77 -18.16 -32.68
C GLU A 363 6.42 -17.90 -33.33
N GLN A 364 5.57 -17.14 -32.65
CA GLN A 364 4.24 -16.83 -33.15
C GLN A 364 3.98 -15.34 -32.98
N LEU A 365 3.52 -14.70 -34.05
CA LEU A 365 3.16 -13.29 -34.03
C LEU A 365 1.66 -13.17 -33.81
N VAL A 366 1.27 -12.73 -32.62
CA VAL A 366 -0.12 -12.63 -32.20
C VAL A 366 -0.54 -11.17 -32.28
N PRO A 367 -1.68 -10.83 -32.94
CA PRO A 367 -2.07 -9.42 -33.10
C PRO A 367 -2.52 -8.70 -31.84
N ALA A 368 -2.94 -7.43 -32.01
CA ALA A 368 -3.10 -6.51 -30.89
C ALA A 368 -4.37 -6.78 -30.08
N GLY A 369 -5.41 -7.31 -30.73
CA GLY A 369 -6.67 -7.52 -30.03
C GLY A 369 -6.69 -8.72 -29.10
N ARG A 370 -5.78 -9.66 -29.29
CA ARG A 370 -5.77 -10.91 -28.52
C ARG A 370 -4.90 -10.75 -27.29
N GLY A 371 -5.41 -11.21 -26.15
CA GLY A 371 -4.67 -11.19 -24.91
C GLY A 371 -4.48 -12.57 -24.34
N SER A 372 -4.63 -13.58 -25.20
CA SER A 372 -4.47 -14.98 -24.79
C SER A 372 -4.04 -15.79 -25.99
N TYR A 373 -3.10 -16.71 -25.77
CA TYR A 373 -2.67 -17.65 -26.79
C TYR A 373 -2.37 -18.99 -26.15
N ILE A 374 -2.73 -20.07 -26.83
CA ILE A 374 -2.50 -21.43 -26.36
C ILE A 374 -1.62 -22.14 -27.37
N PHE A 375 -0.45 -22.59 -26.93
CA PHE A 375 0.44 -23.37 -27.78
C PHE A 375 -0.01 -24.82 -27.81
N SER A 376 0.00 -25.41 -28.99
CA SER A 376 -0.38 -26.81 -29.16
C SER A 376 0.79 -27.60 -29.69
N GLN A 377 0.58 -28.93 -29.74
CA GLN A 377 1.49 -29.96 -30.28
C GLN A 377 2.83 -29.98 -29.56
N LEU A 378 2.81 -29.84 -28.23
CA LEU A 378 4.01 -29.80 -27.43
C LEU A 378 4.39 -31.20 -26.95
N GLN A 379 5.34 -31.25 -26.01
CA GLN A 379 5.83 -32.50 -25.44
C GLN A 379 5.45 -32.58 -23.97
N ALA A 380 5.41 -33.81 -23.46
CA ALA A 380 4.91 -34.06 -22.13
C ALA A 380 6.01 -33.90 -21.08
N GLY A 381 5.70 -33.12 -20.04
CA GLY A 381 6.60 -32.98 -18.90
C GLY A 381 7.81 -32.12 -19.16
N THR A 382 7.72 -31.20 -20.12
CA THR A 382 8.83 -30.37 -20.53
C THR A 382 8.65 -28.98 -19.95
N ASN A 383 9.68 -28.47 -19.30
CA ASN A 383 9.52 -27.26 -18.50
C ASN A 383 10.03 -26.07 -19.27
N TYR A 384 9.09 -25.25 -19.76
CA TYR A 384 9.25 -24.39 -20.92
C TYR A 384 9.56 -22.95 -20.55
N THR A 385 10.14 -22.24 -21.51
CA THR A 385 10.51 -20.84 -21.37
C THR A 385 9.76 -20.03 -22.41
N LEU A 386 9.00 -19.02 -21.97
CA LEU A 386 8.20 -18.21 -22.88
C LEU A 386 8.71 -16.78 -22.88
N ALA A 387 9.04 -16.29 -24.07
CA ALA A 387 9.47 -14.92 -24.28
C ALA A 387 8.29 -14.12 -24.84
N LEU A 388 7.92 -13.03 -24.16
CA LEU A 388 6.77 -12.22 -24.55
C LEU A 388 7.20 -10.78 -24.68
N SER A 389 6.96 -10.18 -25.85
CA SER A 389 7.35 -8.80 -26.10
C SER A 389 6.31 -8.13 -26.98
N MET A 390 6.20 -6.81 -26.86
CA MET A 390 5.33 -6.03 -27.73
C MET A 390 5.99 -5.73 -29.05
N ILE A 391 5.17 -5.46 -30.07
CA ILE A 391 5.62 -4.97 -31.36
C ILE A 391 4.77 -3.77 -31.72
N ASN A 392 5.43 -2.64 -31.99
CA ASN A 392 4.76 -1.48 -32.57
C ASN A 392 5.36 -1.19 -33.94
N LYS A 393 5.04 -0.02 -34.51
CA LYS A 393 5.54 0.38 -35.81
C LYS A 393 7.05 0.69 -35.82
N GLN A 394 7.64 1.00 -34.67
CA GLN A 394 9.03 1.43 -34.63
C GLN A 394 10.00 0.36 -34.14
N GLY A 395 9.53 -0.70 -33.51
CA GLY A 395 10.44 -1.73 -33.04
C GLY A 395 9.76 -2.79 -32.20
N GLU A 396 10.55 -3.42 -31.35
CA GLU A 396 10.10 -4.49 -30.46
C GLU A 396 10.57 -4.16 -29.05
N GLY A 397 9.68 -4.33 -28.07
CA GLY A 397 9.97 -3.95 -26.71
C GLY A 397 10.77 -4.98 -25.92
N PRO A 398 10.81 -4.83 -24.60
CA PRO A 398 11.53 -5.79 -23.76
C PRO A 398 10.78 -7.10 -23.61
N VAL A 399 11.51 -8.11 -23.16
CA VAL A 399 11.02 -9.48 -23.09
C VAL A 399 10.65 -9.78 -21.65
N ALA A 400 9.40 -10.19 -21.43
CA ALA A 400 8.97 -10.73 -20.15
C ALA A 400 8.99 -12.25 -20.20
N LYS A 401 9.56 -12.86 -19.17
CA LYS A 401 9.80 -14.29 -19.17
C LYS A 401 9.05 -14.93 -18.01
N GLY A 402 8.53 -16.13 -18.27
CA GLY A 402 7.84 -16.90 -17.26
C GLY A 402 8.14 -18.36 -17.46
N PHE A 403 8.05 -19.12 -16.36
CA PHE A 403 8.47 -20.51 -16.35
C PHE A 403 7.29 -21.38 -15.99
N VAL A 404 6.97 -22.35 -16.85
CA VAL A 404 5.90 -23.29 -16.59
C VAL A 404 6.30 -24.63 -17.23
N GLN A 405 5.79 -25.72 -16.67
CA GLN A 405 5.93 -27.03 -17.28
C GLN A 405 4.57 -27.51 -17.76
N THR A 406 4.58 -28.33 -18.80
CA THR A 406 3.37 -29.04 -19.18
C THR A 406 3.15 -30.23 -18.25
N HIS A 407 1.97 -30.81 -18.34
CA HIS A 407 1.63 -31.94 -17.48
C HIS A 407 2.31 -33.22 -17.96
N SER A 408 2.26 -34.24 -17.09
CA SER A 408 2.85 -35.52 -17.40
C SER A 408 2.00 -36.27 -18.42
N ALA A 409 2.62 -37.27 -19.06
CA ALA A 409 1.93 -38.05 -20.06
C ALA A 409 0.95 -39.01 -19.41
N ARG A 410 -0.32 -38.89 -19.79
CA ARG A 410 -1.34 -39.76 -19.25
C ARG A 410 -1.22 -41.15 -19.87
N ASN A 411 -1.54 -42.17 -19.08
CA ASN A 411 -1.14 -43.54 -19.39
C ASN A 411 -2.03 -44.18 -20.46
N GLU A 412 -1.42 -44.46 -21.61
CA GLU A 412 -2.09 -45.19 -22.69
C GLU A 412 -2.05 -46.66 -22.33
N LYS A 413 -3.07 -47.10 -21.60
CA LYS A 413 -3.21 -48.51 -21.25
C LYS A 413 -3.63 -49.29 -22.49
N PRO A 414 -3.14 -50.53 -22.66
CA PRO A 414 -3.49 -51.29 -23.86
C PRO A 414 -4.89 -51.88 -23.79
N ALA A 415 -5.27 -52.55 -24.88
CA ALA A 415 -6.63 -53.07 -25.02
C ALA A 415 -6.86 -54.31 -24.17
N LYS A 416 -5.78 -55.01 -23.79
CA LYS A 416 -5.90 -56.08 -22.82
C LYS A 416 -6.16 -55.53 -21.41
N ASP A 417 -5.50 -54.43 -21.05
CA ASP A 417 -5.63 -53.84 -19.72
C ASP A 417 -6.54 -52.61 -19.76
N LEU A 418 -7.85 -52.85 -19.70
CA LEU A 418 -8.84 -51.78 -19.58
C LEU A 418 -9.94 -52.26 -18.63
N THR A 419 -10.05 -51.60 -17.48
CA THR A 419 -11.04 -51.97 -16.47
C THR A 419 -12.19 -50.98 -16.37
N GLU A 420 -12.28 -50.02 -17.28
CA GLU A 420 -13.34 -49.02 -17.21
C GLU A 420 -14.60 -49.52 -17.91
N SER A 421 -15.59 -48.63 -18.01
CA SER A 421 -16.86 -48.97 -18.62
C SER A 421 -17.50 -47.73 -19.25
N VAL A 422 -18.44 -47.98 -20.16
CA VAL A 422 -19.16 -46.93 -20.86
C VAL A 422 -20.66 -47.13 -20.73
N LEU A 423 -21.40 -46.04 -20.88
CA LEU A 423 -22.86 -46.05 -20.91
C LEU A 423 -23.34 -45.70 -22.31
N LEU A 424 -24.02 -46.64 -22.95
CA LEU A 424 -24.47 -46.47 -24.32
C LEU A 424 -25.96 -46.26 -24.32
N VAL A 425 -26.40 -45.08 -24.76
CA VAL A 425 -27.76 -44.60 -24.57
C VAL A 425 -28.42 -44.47 -25.93
N GLY A 426 -29.58 -45.12 -26.10
CA GLY A 426 -30.37 -44.98 -27.30
C GLY A 426 -31.59 -44.10 -27.07
N ARG A 427 -32.49 -44.12 -28.05
CA ARG A 427 -33.80 -43.50 -27.88
C ARG A 427 -34.65 -44.25 -26.85
N ARG A 428 -34.58 -45.58 -26.85
CA ARG A 428 -35.47 -46.38 -26.01
C ARG A 428 -34.73 -47.32 -25.07
N ALA A 429 -33.41 -47.20 -24.95
CA ALA A 429 -32.65 -48.14 -24.13
C ALA A 429 -31.40 -47.47 -23.58
N VAL A 430 -31.00 -47.87 -22.38
CA VAL A 430 -29.74 -47.49 -21.77
C VAL A 430 -28.94 -48.76 -21.52
N MET A 431 -27.75 -48.85 -22.12
CA MET A 431 -26.98 -50.08 -22.13
C MET A 431 -25.64 -49.84 -21.44
N TRP A 432 -25.21 -50.84 -20.68
CA TRP A 432 -23.92 -50.82 -19.97
C TRP A 432 -22.98 -51.81 -20.62
N GLN A 433 -21.79 -51.35 -20.96
CA GLN A 433 -20.77 -52.18 -21.59
C GLN A 433 -19.44 -51.96 -20.89
N SER A 434 -18.84 -53.05 -20.41
CA SER A 434 -17.50 -52.97 -19.84
C SER A 434 -16.48 -52.91 -20.98
N LEU A 435 -15.33 -52.29 -20.71
CA LEU A 435 -14.29 -52.14 -21.71
C LEU A 435 -13.24 -53.24 -21.64
N GLU A 436 -13.59 -54.40 -21.09
CA GLU A 436 -12.71 -55.55 -21.03
C GLU A 436 -12.63 -56.20 -22.42
N PRO A 437 -11.59 -57.03 -22.67
CA PRO A 437 -11.60 -57.89 -23.87
C PRO A 437 -12.73 -58.90 -23.92
N ALA A 438 -13.17 -59.42 -22.78
CA ALA A 438 -14.44 -60.10 -22.71
C ALA A 438 -15.52 -59.12 -22.28
N GLY A 439 -16.29 -58.66 -23.26
CA GLY A 439 -17.24 -57.58 -23.06
C GLY A 439 -18.53 -58.08 -22.43
N GLU A 440 -18.90 -57.46 -21.32
CA GLU A 440 -20.15 -57.76 -20.64
C GLU A 440 -21.17 -56.68 -20.98
N ASN A 441 -22.25 -57.09 -21.64
CA ASN A 441 -23.30 -56.18 -22.08
C ASN A 441 -24.57 -56.47 -21.30
N SER A 442 -25.15 -55.43 -20.70
CA SER A 442 -26.35 -55.59 -19.91
C SER A 442 -27.30 -54.42 -20.16
N MET A 443 -28.59 -54.70 -20.04
CA MET A 443 -29.64 -53.69 -20.22
C MET A 443 -29.99 -53.14 -18.85
N ILE A 444 -29.73 -51.85 -18.64
CA ILE A 444 -30.08 -51.24 -17.37
C ILE A 444 -31.57 -50.90 -17.32
N TYR A 445 -32.04 -50.14 -18.30
CA TYR A 445 -33.44 -49.73 -18.31
C TYR A 445 -33.92 -49.67 -19.75
N GLN A 446 -35.17 -50.05 -19.96
CA GLN A 446 -35.83 -49.92 -21.25
C GLN A 446 -37.15 -49.18 -21.05
N SER A 447 -37.40 -48.19 -21.89
CA SER A 447 -38.57 -47.33 -21.78
C SER A 447 -39.55 -47.61 -22.91
N GLN A 448 -40.84 -47.35 -22.65
CA GLN A 448 -41.84 -47.54 -23.69
C GLN A 448 -41.98 -46.30 -24.57
N GLU A 449 -41.38 -45.19 -24.16
CA GLU A 449 -41.34 -43.98 -24.95
C GLU A 449 -39.89 -43.55 -25.18
N GLU A 450 -39.71 -42.57 -26.07
CA GLU A 450 -38.37 -42.15 -26.46
C GLU A 450 -37.72 -41.28 -25.39
N LEU A 451 -36.40 -41.40 -25.26
CA LEU A 451 -35.61 -40.59 -24.32
C LEU A 451 -35.12 -39.33 -25.01
N ALA A 452 -34.87 -38.28 -24.23
CA ALA A 452 -34.32 -37.05 -24.78
C ALA A 452 -32.91 -36.79 -24.25
N ASP A 453 -32.74 -36.80 -22.93
CA ASP A 453 -31.43 -36.58 -22.33
C ASP A 453 -31.38 -37.33 -21.01
N ILE A 454 -30.15 -37.59 -20.54
CA ILE A 454 -29.93 -38.18 -19.23
C ILE A 454 -28.92 -37.34 -18.46
N ALA A 455 -28.78 -37.67 -17.18
CA ALA A 455 -27.69 -37.21 -16.34
C ALA A 455 -27.14 -38.40 -15.59
N TRP A 456 -25.96 -38.26 -15.01
CA TRP A 456 -25.31 -39.39 -14.36
C TRP A 456 -24.46 -38.91 -13.19
N SER A 457 -24.24 -39.83 -12.26
CA SER A 457 -23.42 -39.59 -11.07
C SER A 457 -22.39 -40.69 -10.96
N LYS A 458 -21.20 -40.32 -10.48
CA LYS A 458 -20.15 -41.31 -10.26
C LYS A 458 -20.12 -41.84 -8.84
N ARG A 459 -20.30 -40.98 -7.84
CA ARG A 459 -20.21 -41.42 -6.46
C ARG A 459 -21.56 -41.68 -5.82
N GLU A 460 -22.59 -40.93 -6.24
CA GLU A 460 -23.94 -41.26 -5.81
C GLU A 460 -24.55 -42.40 -6.61
N GLN A 461 -23.99 -42.67 -7.80
CA GLN A 461 -24.38 -43.70 -8.76
C GLN A 461 -25.84 -43.58 -9.20
N GLN A 462 -26.29 -42.33 -9.35
CA GLN A 462 -27.65 -42.03 -9.72
C GLN A 462 -27.68 -41.63 -11.19
N LEU A 463 -28.76 -41.99 -11.87
CA LEU A 463 -28.84 -41.84 -13.32
C LEU A 463 -30.26 -41.39 -13.64
N TRP A 464 -30.46 -40.08 -13.76
CA TRP A 464 -31.75 -39.49 -14.07
C TRP A 464 -32.03 -39.63 -15.55
N LEU A 465 -33.30 -39.78 -15.90
CA LEU A 465 -33.71 -39.87 -17.30
C LEU A 465 -34.73 -38.78 -17.57
N LEU A 466 -34.73 -38.28 -18.80
CA LEU A 466 -35.75 -37.34 -19.25
C LEU A 466 -36.24 -37.84 -20.59
N ASN A 467 -37.55 -37.97 -20.74
CA ASN A 467 -38.10 -38.56 -21.95
C ASN A 467 -38.49 -37.48 -22.96
N VAL A 468 -39.20 -37.90 -24.01
CA VAL A 468 -39.69 -36.94 -25.00
C VAL A 468 -40.94 -36.23 -24.48
N HIS A 469 -41.65 -36.82 -23.52
CA HIS A 469 -42.86 -36.24 -22.94
C HIS A 469 -42.57 -35.39 -21.71
N GLY A 470 -41.31 -35.28 -21.29
CA GLY A 470 -40.96 -34.39 -20.19
C GLY A 470 -41.27 -34.92 -18.80
N GLU A 471 -41.20 -36.23 -18.61
CA GLU A 471 -41.32 -36.84 -17.28
C GLU A 471 -39.95 -37.27 -16.82
N LEU A 472 -39.54 -36.83 -15.64
CA LEU A 472 -38.21 -37.06 -15.12
C LEU A 472 -38.23 -38.28 -14.20
N ARG A 473 -37.45 -39.31 -14.55
CA ARG A 473 -37.37 -40.53 -13.78
C ARG A 473 -35.95 -40.71 -13.27
N SER A 474 -35.82 -41.04 -11.99
CA SER A 474 -34.52 -41.25 -11.35
C SER A 474 -34.29 -42.74 -11.16
N LEU A 475 -33.02 -43.14 -11.17
CA LEU A 475 -32.62 -44.54 -11.09
C LEU A 475 -31.23 -44.64 -10.49
N LYS A 476 -30.96 -45.74 -9.79
CA LYS A 476 -29.63 -46.02 -9.24
C LYS A 476 -29.17 -47.37 -9.77
N PHE A 477 -27.85 -47.54 -9.88
CA PHE A 477 -27.27 -48.70 -10.54
C PHE A 477 -25.87 -48.96 -9.99
N GLU A 478 -25.42 -50.21 -10.09
CA GLU A 478 -24.02 -50.57 -9.97
C GLU A 478 -23.76 -51.78 -10.85
N SER A 479 -22.65 -51.72 -11.61
CA SER A 479 -22.07 -52.82 -12.42
C SER A 479 -23.01 -53.33 -13.52
N GLY A 480 -23.83 -52.41 -14.06
CA GLY A 480 -24.76 -52.76 -15.10
C GLY A 480 -26.04 -53.41 -14.64
N GLN A 481 -26.35 -53.36 -13.35
CA GLN A 481 -27.57 -53.94 -12.82
C GLN A 481 -28.36 -52.88 -12.07
N MET A 482 -29.68 -53.01 -12.12
CA MET A 482 -30.59 -52.03 -11.54
C MET A 482 -30.94 -52.46 -10.12
N VAL A 483 -30.56 -51.63 -9.14
CA VAL A 483 -30.77 -52.00 -7.75
C VAL A 483 -31.94 -51.24 -7.15
N SER A 484 -32.31 -50.11 -7.76
CA SER A 484 -33.48 -49.37 -7.33
C SER A 484 -34.39 -49.15 -8.52
N PRO A 485 -35.71 -49.37 -8.39
CA PRO A 485 -36.62 -49.17 -9.52
C PRO A 485 -36.82 -47.69 -9.84
N ALA A 486 -37.31 -47.44 -11.05
CA ALA A 486 -37.36 -46.08 -11.56
C ALA A 486 -38.56 -45.33 -11.00
N GLN A 487 -38.31 -44.48 -10.01
CA GLN A 487 -39.35 -43.67 -9.42
C GLN A 487 -39.51 -42.41 -10.27
N GLN A 488 -40.74 -41.89 -10.34
CA GLN A 488 -40.99 -40.66 -11.06
C GLN A 488 -40.83 -39.47 -10.13
N LEU A 489 -39.86 -38.62 -10.41
CA LEU A 489 -39.58 -37.46 -9.60
C LEU A 489 -40.08 -36.22 -10.36
N LYS A 490 -41.11 -35.59 -9.82
CA LYS A 490 -41.75 -34.44 -10.43
C LYS A 490 -41.06 -33.16 -9.97
N LEU A 491 -41.14 -32.13 -10.80
CA LEU A 491 -40.48 -30.85 -10.53
C LEU A 491 -41.48 -29.90 -9.88
N ASP A 492 -41.18 -29.50 -8.64
CA ASP A 492 -41.96 -28.48 -7.95
C ASP A 492 -41.34 -27.12 -8.24
N LEU A 493 -41.82 -26.49 -9.31
CA LEU A 493 -41.25 -25.21 -9.75
C LEU A 493 -41.74 -24.06 -8.88
N GLY A 494 -43.04 -24.00 -8.60
CA GLY A 494 -43.53 -23.02 -7.65
C GLY A 494 -43.77 -21.66 -8.29
N ASN A 495 -43.16 -20.63 -7.69
CA ASN A 495 -43.39 -19.26 -8.13
C ASN A 495 -42.46 -18.89 -9.29
N ILE A 496 -41.50 -19.75 -9.61
CA ILE A 496 -40.57 -19.52 -10.71
C ILE A 496 -41.27 -19.67 -12.05
N SER A 497 -42.11 -20.70 -12.19
CA SER A 497 -42.76 -21.00 -13.45
C SER A 497 -43.93 -20.06 -13.73
N SER A 498 -44.07 -19.68 -15.00
CA SER A 498 -45.25 -18.99 -15.48
C SER A 498 -46.30 -19.96 -16.03
N GLY A 499 -46.03 -21.26 -15.98
CA GLY A 499 -46.96 -22.26 -16.47
C GLY A 499 -46.43 -23.02 -17.68
N ARG A 500 -46.53 -24.35 -17.60
CA ARG A 500 -46.22 -25.33 -18.66
C ARG A 500 -44.77 -25.26 -19.16
N TRP A 501 -43.81 -25.26 -18.24
CA TRP A 501 -42.39 -25.43 -18.59
C TRP A 501 -42.07 -26.92 -18.60
N VAL A 502 -42.27 -27.56 -19.75
CA VAL A 502 -42.01 -29.00 -19.85
C VAL A 502 -40.56 -29.24 -20.29
N PRO A 503 -39.82 -30.15 -19.64
CA PRO A 503 -38.36 -30.19 -19.82
C PRO A 503 -37.90 -30.91 -21.07
N ARG A 504 -36.73 -30.50 -21.58
CA ARG A 504 -36.16 -31.05 -22.81
C ARG A 504 -34.78 -31.65 -22.61
N ARG A 505 -33.86 -30.95 -21.94
CA ARG A 505 -32.51 -31.46 -21.70
C ARG A 505 -32.22 -31.53 -20.21
N LEU A 506 -31.08 -32.12 -19.86
CA LEU A 506 -30.80 -32.50 -18.49
C LEU A 506 -29.29 -32.60 -18.27
N SER A 507 -28.83 -32.07 -17.15
CA SER A 507 -27.45 -32.25 -16.70
C SER A 507 -27.43 -32.22 -15.18
N PHE A 508 -26.26 -32.45 -14.60
CA PHE A 508 -26.13 -32.65 -13.16
C PHE A 508 -24.89 -31.97 -12.63
N ASP A 509 -25.06 -31.19 -11.56
CA ASP A 509 -23.96 -30.57 -10.84
C ASP A 509 -23.49 -31.53 -9.75
N TRP A 510 -22.25 -32.01 -9.83
CA TRP A 510 -21.80 -33.02 -8.88
C TRP A 510 -21.19 -32.43 -7.61
N LEU A 511 -21.09 -31.11 -7.50
CA LEU A 511 -20.54 -30.52 -6.29
C LEU A 511 -21.60 -29.93 -5.38
N HIS A 512 -22.51 -29.13 -5.93
CA HIS A 512 -23.57 -28.51 -5.17
C HIS A 512 -24.85 -29.34 -5.15
N HIS A 513 -24.82 -30.52 -5.81
CA HIS A 513 -25.90 -31.53 -5.88
C HIS A 513 -27.18 -30.97 -6.49
N ARG A 514 -27.02 -30.27 -7.61
CA ARG A 514 -28.07 -29.54 -8.27
C ARG A 514 -28.36 -30.25 -9.59
N LEU A 515 -29.61 -30.22 -10.02
CA LEU A 515 -29.97 -30.72 -11.35
C LEU A 515 -30.28 -29.52 -12.23
N TYR A 516 -29.60 -29.44 -13.37
CA TYR A 516 -29.75 -28.33 -14.29
C TYR A 516 -30.55 -28.79 -15.50
N PHE A 517 -31.54 -28.00 -15.88
CA PHE A 517 -32.53 -28.41 -16.87
C PHE A 517 -32.52 -27.46 -18.05
N ALA A 518 -33.41 -27.73 -18.99
CA ALA A 518 -33.76 -26.83 -20.08
C ALA A 518 -35.19 -27.16 -20.51
N MET A 519 -36.11 -26.22 -20.29
CA MET A 519 -37.52 -26.52 -20.51
C MET A 519 -38.04 -25.87 -21.77
N GLU A 520 -39.32 -26.12 -22.06
CA GLU A 520 -40.04 -25.54 -23.18
C GLU A 520 -41.36 -24.96 -22.70
N SER A 521 -41.60 -23.69 -23.01
CA SER A 521 -42.93 -23.11 -22.88
C SER A 521 -43.46 -22.81 -24.27
N PRO A 522 -44.71 -23.18 -24.60
CA PRO A 522 -45.27 -22.80 -25.90
C PRO A 522 -45.65 -21.32 -25.93
N GLU A 523 -44.85 -20.54 -26.66
CA GLU A 523 -45.07 -19.11 -26.75
C GLU A 523 -44.83 -18.62 -28.18
N SER A 528 -40.01 -20.20 -26.35
CA SER A 528 -39.00 -19.69 -25.44
C SER A 528 -38.45 -20.81 -24.55
N PHE A 529 -37.17 -20.67 -24.22
CA PHE A 529 -36.36 -21.80 -23.79
C PHE A 529 -35.50 -21.32 -22.63
N GLN A 530 -35.61 -21.98 -21.47
CA GLN A 530 -35.01 -21.46 -20.24
C GLN A 530 -34.33 -22.57 -19.46
N ILE A 531 -33.06 -22.32 -19.13
CA ILE A 531 -32.27 -23.17 -18.25
C ILE A 531 -32.55 -22.74 -16.81
N ILE A 532 -32.87 -23.70 -15.94
CA ILE A 532 -32.96 -23.45 -14.50
C ILE A 532 -32.06 -24.44 -13.77
N SER A 533 -31.87 -24.19 -12.49
CA SER A 533 -31.27 -25.16 -11.58
C SER A 533 -32.34 -25.61 -10.61
N THR A 534 -32.34 -26.90 -10.27
CA THR A 534 -33.23 -27.42 -9.23
C THR A 534 -32.49 -28.47 -8.42
N ASP A 535 -33.08 -28.83 -7.28
CA ASP A 535 -32.45 -29.71 -6.31
C ASP A 535 -32.79 -31.16 -6.71
N LEU A 536 -32.20 -32.15 -6.03
CA LEU A 536 -32.45 -33.56 -6.32
C LEU A 536 -33.82 -34.05 -5.87
N LEU A 537 -34.55 -33.27 -5.07
CA LEU A 537 -35.96 -33.51 -4.80
C LEU A 537 -36.85 -32.63 -5.67
N GLY A 538 -36.26 -31.73 -6.45
CA GLY A 538 -37.02 -30.78 -7.24
C GLY A 538 -37.65 -29.65 -6.45
N GLU A 539 -37.03 -29.25 -5.33
CA GLU A 539 -37.72 -28.39 -4.37
C GLU A 539 -37.40 -26.92 -4.57
N SER A 540 -36.27 -26.60 -5.19
CA SER A 540 -35.76 -25.24 -5.22
C SER A 540 -35.37 -24.84 -6.64
N ALA A 541 -36.31 -24.28 -7.39
CA ALA A 541 -36.05 -23.79 -8.73
C ALA A 541 -35.41 -22.41 -8.64
N GLN A 542 -34.31 -22.22 -9.37
CA GLN A 542 -33.68 -20.90 -9.54
C GLN A 542 -33.55 -20.66 -11.04
N LYS A 543 -34.11 -19.55 -11.53
CA LYS A 543 -33.91 -19.16 -12.91
C LYS A 543 -32.49 -18.62 -13.11
N VAL A 544 -31.80 -19.21 -14.09
CA VAL A 544 -30.42 -18.83 -14.40
C VAL A 544 -30.37 -18.41 -15.86
N GLY A 545 -29.69 -17.29 -16.13
CA GLY A 545 -29.59 -16.74 -17.47
C GLY A 545 -30.86 -16.06 -17.92
N GLU A 546 -30.90 -15.71 -19.20
CA GLU A 546 -32.08 -15.13 -19.82
C GLU A 546 -32.66 -16.10 -20.83
N SER A 547 -33.84 -15.77 -21.33
CA SER A 547 -34.49 -16.61 -22.33
C SER A 547 -33.86 -16.42 -23.70
N PHE A 548 -34.01 -17.44 -24.54
CA PHE A 548 -33.39 -17.57 -25.85
C PHE A 548 -34.24 -18.47 -26.73
N ASP A 549 -34.05 -18.39 -28.06
CA ASP A 549 -35.05 -18.93 -28.98
C ASP A 549 -34.66 -20.29 -29.53
N LEU A 550 -33.37 -20.59 -29.61
CA LEU A 550 -32.93 -21.82 -30.26
C LEU A 550 -32.91 -22.98 -29.26
N PRO A 551 -33.26 -24.20 -29.67
CA PRO A 551 -33.33 -25.30 -28.72
C PRO A 551 -31.97 -25.88 -28.35
N VAL A 552 -31.83 -26.23 -27.08
CA VAL A 552 -30.64 -26.88 -26.57
C VAL A 552 -30.62 -28.32 -27.07
N GLU A 553 -29.52 -28.72 -27.69
CA GLU A 553 -29.40 -30.10 -28.12
C GLU A 553 -28.56 -30.93 -27.17
N GLN A 554 -27.73 -30.29 -26.35
CA GLN A 554 -26.95 -30.97 -25.31
C GLN A 554 -26.64 -29.97 -24.22
N LEU A 555 -26.83 -30.38 -22.96
CA LEU A 555 -26.55 -29.54 -21.80
C LEU A 555 -25.50 -30.23 -20.94
N GLU A 556 -24.40 -29.54 -20.67
CA GLU A 556 -23.37 -30.04 -19.76
C GLU A 556 -23.01 -28.97 -18.74
N VAL A 557 -22.78 -29.39 -17.50
CA VAL A 557 -22.37 -28.52 -16.41
C VAL A 557 -20.93 -28.86 -16.06
N ASP A 558 -20.07 -27.84 -16.01
CA ASP A 558 -18.74 -27.96 -15.42
C ASP A 558 -18.86 -27.46 -13.98
N ALA A 559 -19.00 -28.42 -13.05
CA ALA A 559 -19.21 -28.07 -11.65
C ALA A 559 -17.93 -27.58 -10.97
N LEU A 560 -16.78 -28.10 -11.40
CA LEU A 560 -15.50 -27.79 -10.78
C LEU A 560 -15.05 -26.38 -11.10
N ASN A 561 -15.19 -25.96 -12.35
CA ASN A 561 -14.81 -24.62 -12.76
C ASN A 561 -15.97 -23.64 -12.73
N GLY A 562 -17.16 -24.10 -12.34
CA GLY A 562 -18.33 -23.26 -12.23
C GLY A 562 -18.89 -22.76 -13.54
N TRP A 563 -18.93 -23.60 -14.56
CA TRP A 563 -19.48 -23.23 -15.85
C TRP A 563 -20.63 -24.15 -16.22
N ILE A 564 -21.44 -23.71 -17.16
CA ILE A 564 -22.41 -24.57 -17.82
C ILE A 564 -22.36 -24.30 -19.32
N PHE A 565 -22.18 -25.37 -20.10
CA PHE A 565 -22.04 -25.27 -21.54
C PHE A 565 -23.27 -25.89 -22.19
N TRP A 566 -23.83 -25.19 -23.16
CA TRP A 566 -24.92 -25.75 -23.93
C TRP A 566 -24.69 -25.50 -25.40
N ARG A 567 -25.40 -26.26 -26.21
CA ARG A 567 -25.21 -26.27 -27.65
C ARG A 567 -26.58 -26.17 -28.30
N ASN A 568 -26.72 -25.21 -29.19
CA ASN A 568 -27.93 -25.05 -29.98
C ASN A 568 -27.66 -25.39 -31.45
N GLU A 569 -28.63 -25.05 -32.29
CA GLU A 569 -28.72 -25.35 -33.72
C GLU A 569 -27.59 -24.74 -34.54
N GLU A 570 -27.01 -23.62 -34.08
CA GLU A 570 -26.04 -22.85 -34.86
C GLU A 570 -24.72 -22.56 -34.16
N SER A 571 -24.59 -22.89 -32.87
CA SER A 571 -23.52 -22.33 -32.05
C SER A 571 -23.30 -23.18 -30.80
N LEU A 572 -22.34 -22.75 -29.97
CA LEU A 572 -22.04 -23.36 -28.68
C LEU A 572 -21.74 -22.24 -27.70
N TRP A 573 -22.25 -22.35 -26.47
CA TRP A 573 -22.26 -21.24 -25.53
C TRP A 573 -21.58 -21.59 -24.22
N ARG A 574 -21.61 -20.63 -23.29
CA ARG A 574 -21.02 -20.75 -21.97
C ARG A 574 -21.68 -19.76 -21.03
N GLN A 575 -22.24 -20.27 -19.93
CA GLN A 575 -22.68 -19.45 -18.81
C GLN A 575 -21.97 -19.95 -17.57
N ASP A 576 -21.99 -19.13 -16.50
CA ASP A 576 -21.63 -19.68 -15.21
C ASP A 576 -22.89 -20.16 -14.51
N LEU A 577 -22.74 -20.60 -13.25
CA LEU A 577 -23.84 -21.22 -12.53
C LEU A 577 -24.87 -20.23 -12.01
N HIS A 578 -24.55 -18.94 -11.98
CA HIS A 578 -25.50 -17.90 -11.63
C HIS A 578 -25.84 -16.99 -12.80
N GLY A 579 -25.38 -17.31 -14.01
CA GLY A 579 -25.79 -16.63 -15.22
C GLY A 579 -25.14 -15.28 -15.45
N ARG A 580 -24.01 -15.00 -14.79
CA ARG A 580 -23.44 -13.66 -14.83
C ARG A 580 -22.63 -13.45 -16.11
N MET A 581 -21.75 -14.37 -16.43
CA MET A 581 -20.87 -14.26 -17.59
C MET A 581 -21.39 -15.16 -18.69
N ILE A 582 -22.03 -14.56 -19.70
CA ILE A 582 -22.54 -15.29 -20.84
C ILE A 582 -21.60 -15.07 -22.00
N HIS A 583 -21.06 -16.16 -22.55
CA HIS A 583 -20.10 -16.08 -23.64
C HIS A 583 -20.43 -17.12 -24.69
N ARG A 584 -20.42 -16.71 -25.95
CA ARG A 584 -20.60 -17.63 -27.07
C ARG A 584 -19.21 -18.06 -27.53
N LEU A 585 -18.97 -19.36 -27.57
CA LEU A 585 -17.62 -19.84 -27.79
C LEU A 585 -17.33 -20.02 -29.27
N LEU A 586 -18.34 -20.38 -30.05
CA LEU A 586 -18.11 -20.84 -31.42
C LEU A 586 -19.39 -20.67 -32.23
N ARG A 587 -19.23 -20.31 -33.51
CA ARG A 587 -20.32 -20.38 -34.49
C ARG A 587 -19.89 -21.36 -35.56
N ILE A 588 -20.56 -22.51 -35.62
CA ILE A 588 -20.28 -23.51 -36.64
C ILE A 588 -21.61 -24.14 -37.03
N ARG A 589 -21.76 -24.48 -38.30
CA ARG A 589 -23.01 -25.05 -38.76
C ARG A 589 -23.10 -26.51 -38.39
N GLN A 590 -24.17 -26.85 -37.66
CA GLN A 590 -24.61 -28.15 -37.15
C GLN A 590 -23.57 -28.89 -36.32
N PRO A 591 -23.29 -28.49 -35.07
CA PRO A 591 -22.30 -29.23 -34.27
C PRO A 591 -22.90 -30.50 -33.67
N GLY A 592 -22.06 -31.50 -33.53
CA GLY A 592 -22.44 -32.79 -32.96
C GLY A 592 -22.15 -32.86 -31.48
N TRP A 593 -21.76 -34.04 -31.01
CA TRP A 593 -21.55 -34.28 -29.58
C TRP A 593 -20.29 -33.57 -29.08
N PHE A 594 -20.42 -32.92 -27.93
CA PHE A 594 -19.27 -32.29 -27.29
C PHE A 594 -19.07 -32.85 -25.89
N LEU A 595 -17.82 -32.97 -25.49
CA LEU A 595 -17.43 -33.55 -24.22
C LEU A 595 -16.46 -32.60 -23.55
N VAL A 596 -16.54 -32.49 -22.23
CA VAL A 596 -15.87 -31.45 -21.46
C VAL A 596 -14.81 -32.09 -20.59
N GLN A 597 -13.56 -31.64 -20.73
CA GLN A 597 -12.48 -31.99 -19.80
C GLN A 597 -12.36 -30.90 -18.75
N PRO A 598 -12.71 -31.15 -17.49
CA PRO A 598 -12.61 -30.08 -16.47
C PRO A 598 -11.21 -29.84 -15.98
N GLN A 599 -10.38 -30.88 -16.01
CA GLN A 599 -9.01 -30.76 -15.53
C GLN A 599 -8.12 -30.03 -16.53
N HIS A 600 -8.37 -30.23 -17.82
CA HIS A 600 -7.52 -29.71 -18.87
C HIS A 600 -8.07 -28.47 -19.56
N PHE A 601 -9.29 -28.06 -19.18
CA PHE A 601 -10.01 -26.84 -19.65
C PHE A 601 -10.23 -26.82 -21.16
N ILE A 602 -10.45 -27.99 -21.75
CA ILE A 602 -10.62 -28.17 -23.19
C ILE A 602 -11.93 -28.89 -23.46
N ILE A 603 -12.78 -28.30 -24.30
CA ILE A 603 -13.94 -28.97 -24.87
C ILE A 603 -13.54 -29.60 -26.19
N HIS A 604 -13.77 -30.90 -26.33
CA HIS A 604 -13.62 -31.61 -27.59
C HIS A 604 -15.00 -31.72 -28.22
N LEU A 605 -15.16 -31.21 -29.44
CA LEU A 605 -16.44 -31.21 -30.14
C LEU A 605 -16.29 -31.90 -31.48
N MET A 606 -17.20 -32.81 -31.77
CA MET A 606 -17.24 -33.52 -33.03
C MET A 606 -18.13 -32.77 -34.02
N LEU A 607 -17.68 -32.65 -35.25
CA LEU A 607 -18.51 -32.09 -36.33
C LEU A 607 -18.86 -33.20 -37.30
N PRO A 608 -20.11 -33.69 -37.31
CA PRO A 608 -20.42 -34.90 -38.09
C PRO A 608 -20.64 -34.65 -39.58
N GLN A 609 -21.21 -33.50 -39.95
CA GLN A 609 -21.46 -33.20 -41.36
C GLN A 609 -20.19 -32.82 -42.09
N GLU A 610 -19.32 -32.06 -41.44
CA GLU A 610 -18.03 -31.69 -42.03
C GLU A 610 -17.01 -32.81 -41.91
N GLY A 611 -17.23 -33.80 -41.07
CA GLY A 611 -16.37 -34.96 -40.99
C GLY A 611 -15.11 -34.78 -40.17
N LYS A 612 -14.94 -33.64 -39.51
CA LYS A 612 -13.76 -33.39 -38.69
C LYS A 612 -14.13 -33.34 -37.22
N PHE A 613 -13.12 -33.10 -36.40
CA PHE A 613 -13.20 -33.21 -34.94
C PHE A 613 -12.40 -32.05 -34.37
N LEU A 614 -13.01 -31.25 -33.51
CA LEU A 614 -12.45 -29.94 -33.21
C LEU A 614 -12.27 -29.74 -31.70
N GLU A 615 -11.27 -28.94 -31.34
CA GLU A 615 -10.69 -28.88 -29.99
C GLU A 615 -10.71 -27.44 -29.49
N ILE A 616 -11.63 -27.11 -28.57
CA ILE A 616 -11.91 -25.72 -28.19
C ILE A 616 -11.57 -25.56 -26.70
N SER A 617 -10.94 -24.44 -26.35
CA SER A 617 -10.75 -24.07 -24.95
C SER A 617 -12.02 -23.44 -24.38
N TYR A 618 -11.95 -23.02 -23.11
CA TYR A 618 -13.14 -22.50 -22.45
C TYR A 618 -13.44 -21.05 -22.82
N ASP A 619 -12.46 -20.33 -23.36
CA ASP A 619 -12.75 -18.96 -23.79
C ASP A 619 -13.17 -18.95 -25.27
N GLY A 620 -12.86 -20.01 -25.99
CA GLY A 620 -13.22 -20.14 -27.39
C GLY A 620 -12.19 -19.62 -28.36
N GLY A 621 -11.07 -19.07 -27.88
CA GLY A 621 -10.10 -18.46 -28.77
C GLY A 621 -9.21 -19.48 -29.46
N PHE A 622 -8.88 -20.56 -28.76
CA PHE A 622 -8.07 -21.62 -29.33
C PHE A 622 -8.99 -22.68 -29.90
N LYS A 623 -9.01 -22.81 -31.23
CA LYS A 623 -9.69 -23.91 -31.89
C LYS A 623 -8.67 -24.63 -32.76
N HIS A 624 -8.83 -25.95 -32.90
CA HIS A 624 -7.86 -26.77 -33.61
C HIS A 624 -8.57 -28.01 -34.15
N PRO A 625 -8.59 -28.21 -35.46
CA PRO A 625 -9.16 -29.45 -36.00
C PRO A 625 -8.23 -30.64 -35.80
N LEU A 626 -8.84 -31.80 -35.64
CA LEU A 626 -8.16 -33.08 -35.44
C LEU A 626 -8.70 -34.06 -36.46
N PRO A 627 -7.91 -35.07 -36.87
CA PRO A 627 -8.43 -36.06 -37.83
C PRO A 627 -9.43 -37.02 -37.20
N LEU A 628 -10.68 -36.92 -37.64
CA LEU A 628 -11.71 -37.90 -37.32
C LEU A 628 -11.61 -39.07 -38.29
N PRO A 629 -11.72 -40.31 -37.80
CA PRO A 629 -11.67 -41.48 -38.69
C PRO A 629 -12.97 -41.63 -39.47
N PRO A 630 -12.91 -41.92 -40.77
CA PRO A 630 -14.13 -41.95 -41.58
C PRO A 630 -14.90 -43.25 -41.39
N PRO A 631 -16.24 -43.21 -41.40
CA PRO A 631 -17.01 -44.45 -41.32
C PRO A 631 -17.30 -45.04 -42.69
N HIS A 643 -21.89 -41.95 -40.57
CA HIS A 643 -21.66 -40.78 -39.73
C HIS A 643 -21.64 -41.14 -38.25
N TRP A 644 -20.74 -40.51 -37.51
CA TRP A 644 -20.71 -40.63 -36.06
C TRP A 644 -21.62 -39.60 -35.44
N GLN A 645 -22.41 -40.02 -34.45
CA GLN A 645 -23.29 -39.10 -33.74
C GLN A 645 -22.97 -38.96 -32.26
N SER A 646 -21.97 -39.67 -31.76
CA SER A 646 -21.45 -39.48 -30.41
C SER A 646 -19.98 -39.91 -30.39
N PHE A 647 -19.28 -39.53 -29.33
CA PHE A 647 -17.93 -40.02 -29.10
C PHE A 647 -17.66 -40.07 -27.60
N ALA A 648 -16.52 -40.66 -27.25
CA ALA A 648 -15.94 -40.54 -25.93
C ALA A 648 -14.43 -40.51 -26.07
N LEU A 649 -13.77 -40.04 -25.02
CA LEU A 649 -12.33 -39.78 -25.08
C LEU A 649 -11.66 -40.54 -23.94
N LEU A 650 -10.98 -41.64 -24.28
CA LEU A 650 -10.24 -42.44 -23.31
C LEU A 650 -8.75 -42.30 -23.59
N GLY A 651 -8.09 -41.40 -22.87
CA GLY A 651 -6.69 -41.09 -23.17
C GLY A 651 -6.60 -40.26 -24.43
N ARG A 652 -5.67 -40.62 -25.31
CA ARG A 652 -5.66 -40.09 -26.67
C ARG A 652 -6.62 -40.83 -27.59
N SER A 653 -7.10 -42.00 -27.19
CA SER A 653 -7.95 -42.81 -28.05
C SER A 653 -9.39 -42.30 -28.05
N LEU A 654 -10.16 -42.78 -29.02
CA LEU A 654 -11.50 -42.26 -29.29
C LEU A 654 -12.48 -43.43 -29.33
N LEU A 655 -13.44 -43.44 -28.41
CA LEU A 655 -14.50 -44.44 -28.40
C LEU A 655 -15.63 -43.99 -29.32
N LEU A 656 -15.92 -44.77 -30.35
CA LEU A 656 -16.91 -44.39 -31.34
C LEU A 656 -17.98 -45.47 -31.45
N PRO A 657 -19.27 -45.12 -31.35
CA PRO A 657 -20.33 -46.15 -31.50
C PRO A 657 -20.80 -46.32 -32.93
N ASP A 658 -21.43 -47.47 -33.20
CA ASP A 658 -22.11 -47.72 -34.46
C ASP A 658 -23.46 -48.36 -34.16
N SER A 659 -24.10 -48.88 -35.20
CA SER A 659 -25.32 -49.66 -35.03
C SER A 659 -25.06 -51.08 -34.57
N GLY A 660 -23.83 -51.57 -34.72
CA GLY A 660 -23.53 -52.95 -34.36
C GLY A 660 -22.31 -53.15 -33.51
N GLN A 661 -21.46 -52.12 -33.36
CA GLN A 661 -20.19 -52.29 -32.65
C GLN A 661 -19.72 -50.97 -32.08
N LEU A 662 -18.84 -51.07 -31.09
CA LEU A 662 -18.16 -49.93 -30.46
C LEU A 662 -16.66 -50.14 -30.59
N ILE A 663 -15.96 -49.14 -31.14
CA ILE A 663 -14.55 -49.28 -31.50
C ILE A 663 -13.71 -48.31 -30.71
N LEU A 664 -12.47 -48.70 -30.43
CA LEU A 664 -11.48 -47.86 -29.74
C LEU A 664 -10.38 -47.52 -30.74
N VAL A 665 -10.45 -46.32 -31.32
CA VAL A 665 -9.52 -45.91 -32.36
C VAL A 665 -8.65 -44.77 -31.82
N GLU A 666 -7.35 -44.81 -32.12
CA GLU A 666 -6.36 -43.89 -31.55
C GLU A 666 -6.12 -42.70 -32.48
N GLN A 667 -7.20 -42.16 -33.07
CA GLN A 667 -7.34 -40.85 -33.73
C GLN A 667 -6.61 -40.66 -35.06
N GLN A 668 -5.83 -41.64 -35.51
CA GLN A 668 -5.15 -41.56 -36.80
C GLN A 668 -5.42 -42.84 -37.58
N GLY A 669 -5.78 -43.91 -36.88
CA GLY A 669 -6.05 -45.16 -37.53
C GLY A 669 -7.43 -45.18 -38.18
N GLN A 670 -7.66 -46.23 -38.96
CA GLN A 670 -8.91 -46.39 -39.67
C GLN A 670 -9.95 -47.10 -38.82
N ALA A 671 -11.19 -47.12 -39.31
CA ALA A 671 -12.26 -47.82 -38.61
C ALA A 671 -12.23 -49.32 -38.88
N ALA A 672 -11.53 -49.73 -39.94
CA ALA A 672 -11.39 -51.14 -40.24
C ALA A 672 -10.42 -51.85 -39.31
N SER A 673 -9.48 -51.11 -38.71
CA SER A 673 -8.52 -51.66 -37.75
C SER A 673 -8.55 -50.87 -36.45
N PRO A 674 -9.47 -51.20 -35.53
CA PRO A 674 -9.44 -50.54 -34.21
C PRO A 674 -8.48 -51.25 -33.27
N SER A 675 -8.18 -50.58 -32.15
CA SER A 675 -7.37 -51.22 -31.12
C SER A 675 -8.19 -52.24 -30.33
N ALA A 676 -9.48 -51.97 -30.15
CA ALA A 676 -10.39 -52.90 -29.49
C ALA A 676 -11.78 -52.71 -30.07
N SER A 677 -12.58 -53.77 -29.99
CA SER A 677 -13.95 -53.74 -30.49
C SER A 677 -14.87 -54.48 -29.53
N TRP A 678 -16.07 -53.95 -29.36
CA TRP A 678 -17.10 -54.57 -28.52
C TRP A 678 -18.40 -54.63 -29.33
N PRO A 679 -18.99 -55.81 -29.54
CA PRO A 679 -20.17 -55.90 -30.40
C PRO A 679 -21.44 -55.46 -29.69
N LEU A 680 -22.39 -54.95 -30.48
CA LEU A 680 -23.68 -54.50 -29.99
C LEU A 680 -24.78 -55.25 -30.74
N LYS A 681 -25.86 -55.56 -30.03
CA LYS A 681 -26.95 -56.32 -30.61
C LYS A 681 -28.30 -55.61 -30.59
N ASN A 682 -28.74 -55.09 -29.46
CA ASN A 682 -30.09 -54.55 -29.31
C ASN A 682 -30.09 -53.03 -29.30
N LEU A 683 -29.04 -52.40 -29.84
CA LEU A 683 -28.94 -50.94 -29.89
C LEU A 683 -28.69 -50.54 -31.35
N PRO A 684 -29.75 -50.33 -32.14
CA PRO A 684 -29.53 -49.80 -33.51
C PRO A 684 -29.09 -48.35 -33.54
N ASP A 685 -29.58 -47.53 -32.62
CA ASP A 685 -29.21 -46.12 -32.54
C ASP A 685 -28.60 -45.77 -31.19
N CYS A 686 -27.55 -44.95 -31.21
CA CYS A 686 -26.76 -44.66 -30.01
C CYS A 686 -26.24 -43.23 -30.10
N TRP A 687 -26.95 -42.30 -29.45
CA TRP A 687 -26.65 -40.88 -29.54
C TRP A 687 -25.74 -40.38 -28.43
N ALA A 688 -25.38 -41.22 -27.46
CA ALA A 688 -24.57 -40.76 -26.33
C ALA A 688 -23.71 -41.91 -25.82
N VAL A 689 -22.43 -41.63 -25.62
CA VAL A 689 -21.51 -42.56 -24.96
C VAL A 689 -20.92 -41.81 -23.77
N ILE A 690 -21.15 -42.31 -22.57
CA ILE A 690 -20.70 -41.67 -21.34
C ILE A 690 -19.68 -42.59 -20.67
N LEU A 691 -18.45 -42.10 -20.54
CA LEU A 691 -17.37 -42.88 -19.95
C LEU A 691 -17.48 -42.82 -18.43
N LEU A 692 -17.48 -43.99 -17.78
CA LEU A 692 -17.68 -44.07 -16.33
C LEU A 692 -16.33 -44.09 -15.63
N VAL A 693 -15.72 -42.91 -15.54
CA VAL A 693 -14.47 -42.71 -14.82
C VAL A 693 -14.70 -41.65 -13.75
N PRO A 694 -13.90 -41.61 -12.67
CA PRO A 694 -13.98 -40.46 -11.76
C PRO A 694 -13.34 -39.19 -12.30
N GLU A 695 -12.57 -39.26 -13.39
CA GLU A 695 -12.00 -38.07 -14.00
C GLU A 695 -13.03 -37.33 -14.87
N SER A 696 -14.16 -37.97 -15.17
CA SER A 696 -15.23 -37.28 -15.88
C SER A 696 -15.95 -36.31 -14.95
N GLN A 697 -16.01 -36.60 -13.66
CA GLN A 697 -16.61 -35.74 -12.66
C GLN A 697 -15.64 -35.51 -11.51
N PRO A 698 -14.68 -34.59 -11.67
CA PRO A 698 -13.64 -34.46 -10.65
C PRO A 698 -14.06 -33.59 -9.46
N LEU A 699 -13.44 -33.85 -8.32
CA LEU A 699 -13.54 -33.02 -7.13
C LEU A 699 -12.40 -32.01 -7.01
N THR A 700 -11.30 -32.24 -7.71
CA THR A 700 -10.02 -31.62 -7.41
C THR A 700 -9.63 -30.72 -8.58
N SER A 701 -9.28 -29.46 -8.26
CA SER A 701 -8.86 -28.52 -9.29
C SER A 701 -7.43 -28.79 -9.74
N ALA A 702 -6.64 -29.47 -8.90
CA ALA A 702 -5.25 -29.95 -9.04
C ALA A 702 -4.23 -28.83 -9.20
N GLY A 703 -4.56 -27.59 -8.84
CA GLY A 703 -3.58 -26.53 -8.75
C GLY A 703 -3.80 -25.70 -7.51
N GLY A 704 -2.81 -25.69 -6.61
CA GLY A 704 -2.96 -24.96 -5.37
C GLY A 704 -1.69 -24.26 -4.94
N LYS A 705 -1.77 -22.94 -4.77
CA LYS A 705 -0.63 -22.14 -4.36
C LYS A 705 -1.12 -20.91 -3.62
N PRO A 706 -1.04 -20.89 -2.28
CA PRO A 706 -1.39 -19.67 -1.54
C PRO A 706 -0.30 -18.62 -1.69
N HIS A 707 -0.73 -17.36 -1.80
CA HIS A 707 0.17 -16.25 -2.00
C HIS A 707 -0.17 -15.14 -1.02
N SER A 708 0.73 -14.15 -0.98
CA SER A 708 0.70 -12.93 -0.16
C SER A 708 0.61 -13.27 1.34
N LEU A 709 1.59 -14.04 1.80
CA LEU A 709 1.70 -14.38 3.20
C LEU A 709 2.18 -13.17 3.99
N LYS A 710 1.41 -12.78 4.99
CA LYS A 710 1.75 -11.66 5.87
C LYS A 710 1.63 -12.14 7.30
N ALA A 711 2.40 -11.52 8.19
CA ALA A 711 2.39 -11.89 9.59
C ALA A 711 2.66 -10.68 10.46
N LEU A 712 1.80 -10.48 11.45
CA LEU A 712 1.96 -9.47 12.49
C LEU A 712 2.15 -10.19 13.80
N LEU A 713 3.15 -9.79 14.58
CA LEU A 713 3.60 -10.59 15.71
C LEU A 713 3.60 -9.76 16.99
N GLY A 714 3.33 -10.44 18.10
CA GLY A 714 3.45 -9.87 19.41
C GLY A 714 4.52 -10.57 20.22
N ALA A 715 4.46 -10.48 21.54
CA ALA A 715 5.42 -11.17 22.38
C ALA A 715 5.11 -12.65 22.51
N GLN A 716 3.84 -13.00 22.69
CA GLN A 716 3.42 -14.38 22.89
C GLN A 716 2.58 -14.94 21.76
N ALA A 717 2.27 -14.14 20.74
CA ALA A 717 1.26 -14.53 19.77
C ALA A 717 1.54 -13.86 18.44
N ALA A 718 0.93 -14.41 17.39
CA ALA A 718 1.11 -13.89 16.04
C ALA A 718 -0.24 -13.84 15.34
N LYS A 719 -0.33 -12.95 14.34
CA LYS A 719 -1.53 -12.80 13.52
C LYS A 719 -1.13 -12.95 12.07
N ILE A 720 -1.37 -14.13 11.50
CA ILE A 720 -0.87 -14.52 10.19
C ILE A 720 -2.03 -14.53 9.21
N SER A 721 -1.91 -13.75 8.15
CA SER A 721 -2.91 -13.69 7.10
C SER A 721 -2.25 -13.96 5.75
N TRP A 722 -2.84 -14.88 4.99
CA TRP A 722 -2.47 -15.12 3.61
C TRP A 722 -3.72 -14.92 2.75
N LYS A 723 -3.60 -15.18 1.47
CA LYS A 723 -4.73 -15.08 0.55
C LYS A 723 -5.05 -16.44 -0.04
N GLU A 724 -6.16 -16.49 -0.78
CA GLU A 724 -6.62 -17.69 -1.43
C GLU A 724 -5.73 -17.98 -2.65
N PRO A 725 -5.68 -19.24 -3.10
CA PRO A 725 -5.08 -19.52 -4.41
C PRO A 725 -5.89 -18.91 -5.54
N GLU A 726 -5.18 -18.39 -6.56
CA GLU A 726 -5.78 -17.48 -7.52
C GLU A 726 -6.62 -18.22 -8.54
N ARG A 727 -7.55 -17.49 -9.14
CA ARG A 727 -8.54 -18.03 -10.05
C ARG A 727 -7.99 -17.97 -11.47
N ASN A 728 -8.17 -19.07 -12.21
CA ASN A 728 -7.80 -19.14 -13.61
C ASN A 728 -8.74 -18.29 -14.46
N PRO A 729 -8.33 -17.91 -15.68
CA PRO A 729 -9.31 -17.33 -16.63
C PRO A 729 -10.36 -18.30 -17.15
N TYR A 730 -10.13 -19.61 -17.03
CA TYR A 730 -11.12 -20.63 -17.37
C TYR A 730 -11.97 -21.05 -16.18
N GLN A 731 -11.92 -20.30 -15.08
CA GLN A 731 -12.72 -20.58 -13.89
C GLN A 731 -13.58 -19.37 -13.57
N SER A 732 -14.84 -19.62 -13.24
CA SER A 732 -15.78 -18.57 -12.92
C SER A 732 -15.79 -18.31 -11.42
N ALA A 733 -16.73 -17.47 -10.98
CA ALA A 733 -16.85 -17.17 -9.56
C ALA A 733 -17.59 -18.26 -8.80
N ASP A 734 -18.27 -19.16 -9.53
CA ASP A 734 -18.93 -20.32 -8.94
C ASP A 734 -18.07 -21.57 -8.96
N ALA A 735 -16.76 -21.41 -9.02
CA ALA A 735 -15.86 -22.56 -9.06
C ALA A 735 -15.69 -23.17 -7.67
N ALA A 736 -15.04 -24.33 -7.62
CA ALA A 736 -14.74 -25.00 -6.37
C ALA A 736 -13.60 -24.30 -5.67
N ARG A 737 -13.90 -23.60 -4.57
CA ARG A 737 -12.84 -22.95 -3.76
C ARG A 737 -12.96 -23.55 -2.36
N SER A 738 -12.67 -24.84 -2.21
CA SER A 738 -12.89 -25.50 -0.90
C SER A 738 -11.58 -25.91 -0.23
N TRP A 739 -10.49 -25.18 -0.49
CA TRP A 739 -9.16 -25.53 0.08
C TRP A 739 -9.10 -25.31 1.58
N SER A 740 -8.35 -26.15 2.30
CA SER A 740 -8.06 -25.92 3.73
C SER A 740 -6.57 -25.62 3.74
N TYR A 741 -5.93 -25.37 4.88
CA TYR A 741 -4.55 -24.94 4.89
C TYR A 741 -3.75 -25.64 5.96
N GLU A 742 -2.46 -25.76 5.70
CA GLU A 742 -1.48 -26.26 6.65
C GLU A 742 -0.35 -25.25 6.78
N LEU A 743 -0.12 -24.76 7.99
CA LEU A 743 0.91 -23.77 8.25
C LEU A 743 2.05 -24.41 9.02
N GLU A 744 3.26 -24.23 8.49
CA GLU A 744 4.47 -24.76 9.11
C GLU A 744 5.19 -23.63 9.84
N VAL A 745 5.43 -23.84 11.13
CA VAL A 745 6.16 -22.88 11.97
C VAL A 745 7.49 -23.52 12.32
N LEU A 746 8.58 -22.94 11.81
CA LEU A 746 9.92 -23.42 12.06
C LEU A 746 10.64 -22.47 12.98
N ASP A 747 11.10 -22.98 14.13
CA ASP A 747 12.03 -22.27 14.97
C ASP A 747 13.38 -22.26 14.27
N VAL A 748 13.99 -21.08 14.14
CA VAL A 748 15.22 -20.99 13.36
C VAL A 748 16.42 -21.40 14.19
N ALA A 749 16.40 -21.06 15.49
CA ALA A 749 17.56 -21.29 16.35
C ALA A 749 17.70 -22.74 16.77
N SER A 750 16.60 -23.49 16.81
CA SER A 750 16.63 -24.86 17.28
C SER A 750 16.36 -25.89 16.18
N GLN A 751 15.88 -25.44 15.00
CA GLN A 751 15.50 -26.25 13.82
C GLN A 751 14.44 -27.31 14.16
N SER A 752 13.48 -26.95 14.99
CA SER A 752 12.34 -27.81 15.31
C SER A 752 11.09 -27.21 14.69
N ALA A 753 10.32 -28.04 13.98
CA ALA A 753 9.12 -27.60 13.31
C ALA A 753 7.90 -28.28 13.92
N PHE A 754 6.88 -27.48 14.23
CA PHE A 754 5.57 -28.02 14.53
C PHE A 754 4.63 -27.53 13.43
N SER A 755 3.78 -28.43 12.96
CA SER A 755 2.90 -28.14 11.84
C SER A 755 1.45 -28.19 12.31
N ILE A 756 0.69 -27.15 12.00
CA ILE A 756 -0.72 -27.08 12.35
C ILE A 756 -1.53 -27.30 11.07
N ARG A 757 -2.70 -27.91 11.22
CA ARG A 757 -3.50 -28.32 10.08
C ARG A 757 -4.95 -27.91 10.28
N ASN A 758 -5.74 -28.18 9.23
CA ASN A 758 -7.19 -27.97 9.12
C ASN A 758 -7.62 -26.53 9.34
N ILE A 759 -6.85 -25.56 8.87
CA ILE A 759 -7.26 -24.17 8.95
C ILE A 759 -8.30 -23.89 7.87
N ARG A 760 -9.52 -23.55 8.28
CA ARG A 760 -10.63 -23.33 7.38
C ARG A 760 -10.54 -22.04 6.59
N GLY A 761 -9.75 -21.07 7.04
CA GLY A 761 -9.78 -19.75 6.46
C GLY A 761 -8.42 -19.22 6.04
N PRO A 762 -8.39 -18.02 5.44
CA PRO A 762 -7.11 -17.46 4.98
C PRO A 762 -6.36 -16.67 6.05
N ILE A 763 -6.88 -16.64 7.27
CA ILE A 763 -6.19 -16.06 8.42
C ILE A 763 -6.01 -17.13 9.47
N PHE A 764 -5.03 -16.95 10.35
CA PHE A 764 -4.89 -17.73 11.56
C PHE A 764 -4.21 -16.88 12.62
N GLY A 765 -4.58 -17.08 13.87
CA GLY A 765 -3.86 -16.47 14.96
C GLY A 765 -3.07 -17.49 15.74
N LEU A 766 -1.74 -17.44 15.64
CA LEU A 766 -0.89 -18.29 16.47
C LEU A 766 -0.91 -17.80 17.91
N GLN A 767 -0.72 -18.75 18.83
CA GLN A 767 -0.63 -18.46 20.25
C GLN A 767 0.47 -19.31 20.86
N ARG A 768 0.84 -18.94 22.09
CA ARG A 768 1.83 -19.60 22.96
C ARG A 768 3.21 -19.70 22.31
N LEU A 769 3.63 -18.63 21.64
CA LEU A 769 4.97 -18.55 21.05
C LEU A 769 5.99 -18.18 22.11
N GLN A 770 7.26 -18.22 21.72
CA GLN A 770 8.31 -17.82 22.63
C GLN A 770 8.75 -16.40 22.35
N PRO A 771 9.01 -15.58 23.37
CA PRO A 771 9.34 -14.17 23.13
C PRO A 771 10.78 -13.99 22.71
N ASP A 772 10.99 -13.00 21.82
CA ASP A 772 12.27 -12.59 21.21
C ASP A 772 12.97 -13.73 20.50
N ASN A 773 12.22 -14.44 19.66
CA ASN A 773 12.73 -15.61 18.97
C ASN A 773 12.33 -15.47 17.49
N LEU A 774 13.22 -15.90 16.60
CA LEU A 774 13.00 -15.81 15.17
C LEU A 774 12.28 -17.07 14.69
N TYR A 775 11.26 -16.88 13.86
CA TYR A 775 10.44 -17.98 13.38
C TYR A 775 10.38 -17.92 11.86
N GLN A 776 10.25 -19.10 11.24
CA GLN A 776 10.15 -19.23 9.79
C GLN A 776 8.82 -19.87 9.43
N LEU A 777 8.04 -19.19 8.59
CA LEU A 777 6.64 -19.52 8.37
C LEU A 777 6.39 -19.82 6.89
N ARG A 778 5.87 -21.02 6.61
CA ARG A 778 5.38 -21.39 5.28
C ARG A 778 3.96 -21.92 5.41
N VAL A 779 3.18 -21.76 4.33
CA VAL A 779 1.80 -22.24 4.30
C VAL A 779 1.57 -22.95 2.97
N ARG A 780 0.62 -23.89 2.96
CA ARG A 780 0.25 -24.62 1.75
C ARG A 780 -1.23 -24.90 1.77
N ALA A 781 -1.78 -25.30 0.63
CA ALA A 781 -3.21 -25.52 0.47
C ALA A 781 -3.50 -27.02 0.39
N ILE A 782 -4.49 -27.45 1.17
CA ILE A 782 -4.90 -28.87 1.14
C ILE A 782 -6.30 -28.91 0.50
N ASN A 783 -6.46 -29.62 -0.62
CA ASN A 783 -7.75 -29.65 -1.37
C ASN A 783 -8.75 -30.56 -0.65
N VAL A 784 -9.98 -30.65 -1.15
CA VAL A 784 -11.05 -31.43 -0.45
C VAL A 784 -10.60 -32.89 -0.35
N ASP A 785 -9.88 -33.39 -1.36
CA ASP A 785 -9.36 -34.78 -1.33
C ASP A 785 -8.35 -34.93 -0.20
N GLY A 786 -7.64 -33.86 0.16
CA GLY A 786 -6.60 -33.95 1.19
C GLY A 786 -5.22 -34.02 0.57
N GLU A 787 -5.16 -33.90 -0.75
CA GLU A 787 -3.85 -33.91 -1.45
C GLU A 787 -3.15 -32.57 -1.18
N PRO A 788 -1.95 -32.48 -0.57
CA PRO A 788 -1.36 -31.17 -0.30
C PRO A 788 -0.81 -30.51 -1.55
N GLY A 789 -0.74 -29.19 -1.49
CA GLY A 789 -0.21 -28.38 -2.57
C GLY A 789 1.27 -28.11 -2.40
N GLU A 790 1.71 -26.98 -2.94
CA GLU A 790 3.10 -26.56 -2.87
C GLU A 790 3.23 -25.47 -1.81
N TRP A 791 4.31 -25.54 -1.03
CA TRP A 791 4.56 -24.59 0.04
C TRP A 791 4.90 -23.20 -0.49
N THR A 792 4.51 -22.19 0.27
CA THR A 792 4.81 -20.80 0.02
C THR A 792 6.30 -20.57 0.35
N GLU A 793 6.94 -19.63 -0.38
CA GLU A 793 8.25 -19.11 -0.05
C GLU A 793 8.25 -18.50 1.35
N PRO A 794 9.24 -18.83 2.19
CA PRO A 794 9.10 -18.62 3.64
C PRO A 794 9.27 -17.18 4.09
N LEU A 795 8.49 -16.82 5.11
CA LEU A 795 8.60 -15.52 5.75
C LEU A 795 9.31 -15.70 7.09
N ALA A 796 10.33 -14.89 7.32
CA ALA A 796 11.08 -14.90 8.57
C ALA A 796 10.66 -13.70 9.39
N ALA A 797 10.22 -13.94 10.63
CA ALA A 797 9.78 -12.86 11.49
C ALA A 797 10.06 -13.22 12.94
N ARG A 798 10.20 -12.19 13.76
CA ARG A 798 10.67 -12.32 15.13
C ARG A 798 9.63 -11.74 16.09
N THR A 799 9.39 -12.46 17.19
CA THR A 799 8.49 -12.00 18.23
C THR A 799 9.10 -10.83 19.01
N TRP A 800 8.23 -10.11 19.72
CA TRP A 800 8.64 -9.06 20.63
C TRP A 800 9.29 -9.65 21.88
N PRO A 801 10.10 -8.87 22.59
CA PRO A 801 10.51 -9.28 23.94
C PRO A 801 9.37 -9.19 24.94
N LEU A 802 9.58 -9.87 26.07
CA LEU A 802 8.56 -10.04 27.09
C LEU A 802 8.35 -8.74 27.87
N GLY A 803 7.11 -8.53 28.32
CA GLY A 803 6.72 -7.32 28.99
C GLY A 803 5.42 -6.77 28.44
N PRO A 804 4.72 -5.94 29.20
CA PRO A 804 3.52 -5.28 28.66
C PRO A 804 3.92 -4.07 27.84
N HIS A 805 3.79 -4.16 26.52
CA HIS A 805 4.25 -3.13 25.60
C HIS A 805 3.01 -2.44 25.08
N ARG A 806 2.68 -1.28 25.63
CA ARG A 806 1.39 -0.65 25.37
C ARG A 806 1.54 0.38 24.26
N LEU A 807 0.82 0.19 23.17
CA LEU A 807 0.78 1.18 22.09
C LEU A 807 -0.34 2.18 22.38
N ARG A 808 -0.01 3.46 22.29
CA ARG A 808 -0.96 4.53 22.55
C ARG A 808 -1.43 5.12 21.23
N TRP A 809 -2.74 5.11 21.02
CA TRP A 809 -3.34 5.65 19.81
C TRP A 809 -4.07 6.95 20.12
N ALA A 810 -4.30 7.74 19.09
CA ALA A 810 -5.16 8.91 19.19
C ALA A 810 -5.96 9.01 17.89
N SER A 811 -7.28 8.97 18.01
CA SER A 811 -8.13 9.10 16.84
C SER A 811 -8.20 10.56 16.41
N ARG A 812 -8.66 10.77 15.17
CA ARG A 812 -8.83 12.12 14.64
C ARG A 812 -10.01 12.86 15.25
N GLN A 813 -10.97 12.14 15.83
CA GLN A 813 -12.02 12.79 16.61
C GLN A 813 -11.48 13.27 17.94
N GLY A 814 -10.47 12.58 18.49
CA GLY A 814 -9.81 13.03 19.69
C GLY A 814 -9.84 12.04 20.83
N SER A 815 -10.13 10.78 20.54
CA SER A 815 -10.20 9.76 21.57
C SER A 815 -8.92 8.93 21.60
N VAL A 816 -8.54 8.51 22.81
CA VAL A 816 -7.27 7.86 23.07
C VAL A 816 -7.54 6.45 23.59
N ILE A 817 -7.02 5.45 22.89
CA ILE A 817 -7.09 4.06 23.35
C ILE A 817 -5.67 3.53 23.53
N HIS A 818 -5.54 2.51 24.37
CA HIS A 818 -4.26 1.85 24.62
C HIS A 818 -4.39 0.38 24.24
N THR A 819 -3.70 -0.01 23.18
CA THR A 819 -3.66 -1.39 22.74
C THR A 819 -2.35 -2.03 23.18
N ASN A 820 -2.05 -3.20 22.62
CA ASN A 820 -0.81 -3.92 22.82
C ASN A 820 -0.05 -4.03 21.49
N GLU A 821 0.89 -4.98 21.42
CA GLU A 821 1.76 -5.20 20.26
C GLU A 821 0.97 -5.57 19.01
N LEU A 822 -0.08 -6.38 19.17
CA LEU A 822 -0.90 -6.85 18.06
C LEU A 822 -2.10 -5.96 17.79
N GLY A 823 -2.38 -4.99 18.66
CA GLY A 823 -3.54 -4.14 18.47
C GLY A 823 -4.79 -4.60 19.17
N GLU A 824 -4.69 -5.57 20.07
CA GLU A 824 -5.80 -6.06 20.86
C GLU A 824 -5.62 -5.60 22.31
N GLY A 825 -6.56 -6.00 23.16
CA GLY A 825 -6.55 -5.64 24.58
C GLY A 825 -6.81 -4.17 24.83
N LEU A 826 -7.86 -3.65 24.22
CA LEU A 826 -8.09 -2.21 24.11
C LEU A 826 -8.61 -1.64 25.43
N GLU A 827 -8.10 -0.48 25.81
CA GLU A 827 -8.54 0.25 26.98
C GLU A 827 -8.81 1.68 26.56
N VAL A 828 -10.09 2.06 26.52
CA VAL A 828 -10.49 3.40 26.11
C VAL A 828 -10.22 4.34 27.28
N GLN A 829 -9.33 5.30 27.08
CA GLN A 829 -8.92 6.18 28.17
C GLN A 829 -9.94 7.29 28.37
N GLN A 830 -9.85 7.94 29.53
CA GLN A 830 -10.89 8.88 29.94
C GLN A 830 -10.68 10.24 29.28
N GLU A 831 -9.47 10.53 28.81
CA GLU A 831 -9.16 11.85 28.27
C GLU A 831 -9.69 12.01 26.86
N GLN A 832 -10.12 13.23 26.53
CA GLN A 832 -10.66 13.58 25.22
C GLN A 832 -9.84 14.73 24.67
N LEU A 833 -9.09 14.47 23.61
CA LEU A 833 -8.21 15.49 23.05
C LEU A 833 -8.94 16.31 21.99
N GLU A 834 -8.22 17.24 21.39
CA GLU A 834 -8.80 18.04 20.32
C GLU A 834 -8.71 17.29 19.00
N ARG A 835 -9.30 17.88 17.97
CA ARG A 835 -9.42 17.21 16.67
C ARG A 835 -8.08 17.22 15.93
N LEU A 836 -7.75 16.05 15.36
CA LEU A 836 -6.48 15.61 14.79
C LEU A 836 -5.27 15.90 15.68
N PRO A 837 -5.07 15.18 16.80
CA PRO A 837 -3.90 15.47 17.63
C PRO A 837 -2.66 14.75 17.13
N GLY A 838 -1.50 15.23 17.57
CA GLY A 838 -0.25 14.58 17.29
C GLY A 838 0.19 13.70 18.45
N PRO A 839 1.45 13.29 18.47
CA PRO A 839 1.95 12.51 19.60
C PRO A 839 2.14 13.37 20.84
N MET A 840 1.78 12.81 21.98
CA MET A 840 1.80 13.55 23.24
C MET A 840 3.13 13.35 23.94
N THR A 841 3.73 14.47 24.35
CA THR A 841 5.02 14.47 25.04
C THR A 841 4.77 14.60 26.53
N MET A 842 5.23 13.61 27.30
CA MET A 842 5.19 13.69 28.75
C MET A 842 6.20 14.69 29.30
N VAL A 843 5.76 15.44 30.30
CA VAL A 843 6.66 16.15 31.19
C VAL A 843 6.83 15.39 32.50
N ASN A 844 5.70 15.04 33.08
CA ASN A 844 5.55 14.25 34.29
C ASN A 844 4.22 13.52 34.15
N GLU A 845 3.81 12.79 35.18
CA GLU A 845 2.80 11.74 34.98
C GLU A 845 1.37 12.29 34.91
N SER A 846 1.19 13.58 35.19
CA SER A 846 -0.10 14.21 34.99
C SER A 846 -0.17 14.94 33.66
N VAL A 847 0.87 15.70 33.33
CA VAL A 847 0.79 16.75 32.30
C VAL A 847 1.43 16.25 31.02
N GLY A 848 0.73 16.41 29.90
CA GLY A 848 1.28 16.12 28.59
C GLY A 848 1.09 17.29 27.65
N TYR A 849 1.94 17.32 26.62
CA TYR A 849 1.91 18.35 25.60
C TYR A 849 1.80 17.70 24.23
N TYR A 850 0.84 18.14 23.42
CA TYR A 850 0.66 17.59 22.09
C TYR A 850 0.38 18.70 21.10
N VAL A 851 0.69 18.44 19.84
CA VAL A 851 0.49 19.40 18.77
C VAL A 851 -0.72 18.95 17.95
N THR A 852 -1.78 19.73 18.02
CA THR A 852 -2.98 19.56 17.22
C THR A 852 -2.64 19.92 15.77
N GLY A 853 -3.19 19.16 14.80
CA GLY A 853 -2.65 19.13 13.45
C GLY A 853 -2.92 20.35 12.58
N ASP A 854 -3.67 21.34 13.07
CA ASP A 854 -3.70 22.62 12.38
C ASP A 854 -2.57 23.56 12.80
N GLY A 855 -1.75 23.14 13.76
CA GLY A 855 -0.65 23.95 14.26
C GLY A 855 -0.75 24.35 15.71
N LEU A 856 -1.82 23.98 16.40
CA LEU A 856 -2.02 24.39 17.78
C LEU A 856 -1.28 23.46 18.73
N LEU A 857 -0.59 24.05 19.71
CA LEU A 857 0.08 23.29 20.76
C LEU A 857 -0.79 23.34 22.01
N HIS A 858 -1.17 22.17 22.49
CA HIS A 858 -2.08 22.06 23.63
C HIS A 858 -1.37 21.51 24.85
N CYS A 859 -2.14 21.36 25.92
CA CYS A 859 -1.67 21.01 27.24
C CYS A 859 -2.83 20.49 28.06
N ILE A 860 -2.76 19.23 28.48
CA ILE A 860 -3.82 18.60 29.25
C ILE A 860 -3.21 17.94 30.47
N ASN A 861 -3.83 18.17 31.63
CA ASN A 861 -3.57 17.38 32.83
C ASN A 861 -4.57 16.25 32.79
N LEU A 862 -4.07 15.01 32.70
CA LEU A 862 -4.95 13.85 32.58
C LEU A 862 -5.54 13.48 33.93
N VAL A 863 -4.86 13.83 35.02
CA VAL A 863 -5.26 13.36 36.34
C VAL A 863 -6.27 14.32 36.96
N HIS A 864 -5.85 15.56 37.23
CA HIS A 864 -6.69 16.57 37.87
C HIS A 864 -6.67 17.82 36.99
N SER A 865 -7.81 18.15 36.36
CA SER A 865 -7.79 19.05 35.22
C SER A 865 -7.83 20.54 35.57
N GLN A 866 -8.00 20.93 36.84
CA GLN A 866 -8.14 22.36 37.15
C GLN A 866 -6.79 23.00 37.44
N TRP A 867 -5.73 22.20 37.49
CA TRP A 867 -4.37 22.64 37.72
C TRP A 867 -3.37 21.76 36.99
N GLY A 868 -2.12 22.24 36.95
CA GLY A 868 -1.01 21.51 36.36
C GLY A 868 -0.43 22.09 35.09
N CYS A 869 -1.14 22.99 34.43
CA CYS A 869 -0.70 23.51 33.15
C CYS A 869 -0.44 25.01 33.23
N PRO A 870 0.72 25.51 32.80
CA PRO A 870 1.03 26.93 32.99
C PRO A 870 0.38 27.84 31.96
N ILE A 871 -0.08 27.31 30.84
CA ILE A 871 -0.66 28.14 29.78
C ILE A 871 -2.17 28.02 29.80
N SER A 872 -2.86 29.15 29.69
CA SER A 872 -4.31 29.13 29.68
C SER A 872 -4.85 28.89 28.28
N GLU A 873 -4.16 29.38 27.26
CA GLU A 873 -4.61 29.32 25.88
C GLU A 873 -3.72 28.40 25.05
N PRO A 874 -4.25 27.79 23.98
CA PRO A 874 -3.37 27.09 23.03
C PRO A 874 -2.54 28.06 22.21
N LEU A 875 -1.44 27.55 21.68
CA LEU A 875 -0.43 28.35 20.98
C LEU A 875 -0.41 28.01 19.51
N GLN A 876 -0.61 29.01 18.67
CA GLN A 876 -0.66 28.81 17.23
C GLN A 876 0.74 28.63 16.66
N HIS A 877 0.79 27.96 15.49
CA HIS A 877 1.94 27.82 14.57
C HIS A 877 3.11 27.09 15.22
N VAL A 878 2.83 25.90 15.74
CA VAL A 878 3.81 25.04 16.40
C VAL A 878 3.91 23.75 15.60
N GLY A 879 5.14 23.35 15.25
CA GLY A 879 5.32 22.15 14.45
C GLY A 879 5.35 20.85 15.23
N SER A 880 6.27 20.73 16.17
CA SER A 880 6.37 19.55 17.02
C SER A 880 6.82 20.00 18.39
N VAL A 881 6.80 19.08 19.36
CA VAL A 881 7.17 19.39 20.74
C VAL A 881 7.97 18.22 21.31
N THR A 882 9.02 18.54 22.07
CA THR A 882 9.79 17.54 22.82
C THR A 882 9.98 18.03 24.24
N TYR A 883 10.41 17.14 25.11
CA TYR A 883 10.74 17.44 26.49
C TYR A 883 12.12 16.90 26.83
N ASP A 884 12.92 17.70 27.51
CA ASP A 884 14.22 17.30 28.03
C ASP A 884 14.04 17.02 29.51
N TRP A 885 14.29 15.78 29.93
CA TRP A 885 14.02 15.41 31.31
C TRP A 885 15.10 15.92 32.26
N ARG A 886 16.31 16.15 31.73
CA ARG A 886 17.41 16.53 32.60
C ARG A 886 17.35 18.01 32.95
N GLY A 887 17.16 18.87 31.96
CA GLY A 887 17.02 20.29 32.23
C GLY A 887 15.64 20.63 32.77
N GLY A 888 14.64 19.83 32.41
CA GLY A 888 13.27 20.12 32.77
C GLY A 888 12.70 21.21 31.90
N ARG A 889 12.88 21.09 30.59
CA ARG A 889 12.52 22.13 29.64
C ARG A 889 11.75 21.54 28.47
N VAL A 890 10.70 22.24 28.05
CA VAL A 890 9.88 21.86 26.91
C VAL A 890 10.37 22.65 25.69
N TYR A 891 10.70 21.94 24.62
CA TYR A 891 11.19 22.53 23.39
C TYR A 891 10.14 22.37 22.31
N TRP A 892 9.79 23.47 21.63
CA TRP A 892 8.95 23.36 20.45
C TRP A 892 9.51 24.22 19.34
N THR A 893 9.12 23.91 18.12
CA THR A 893 9.45 24.72 16.96
C THR A 893 8.35 25.75 16.75
N ASP A 894 8.70 27.03 16.90
CA ASP A 894 7.80 28.10 16.52
C ASP A 894 7.93 28.31 15.02
N LEU A 895 6.92 27.86 14.26
CA LEU A 895 6.96 28.01 12.82
C LEU A 895 6.68 29.44 12.38
N ALA A 896 6.01 30.23 13.21
CA ALA A 896 5.79 31.63 12.90
C ALA A 896 7.04 32.47 13.11
N ARG A 897 7.75 32.25 14.21
CA ARG A 897 8.94 33.01 14.53
C ARG A 897 10.20 32.48 13.87
N ASN A 898 10.09 31.30 13.22
CA ASN A 898 11.18 30.53 12.59
C ASN A 898 12.32 30.22 13.57
N CYS A 899 11.96 29.85 14.79
CA CYS A 899 12.94 29.59 15.82
C CYS A 899 12.43 28.48 16.74
N VAL A 900 13.16 28.23 17.81
CA VAL A 900 12.87 27.17 18.76
C VAL A 900 12.67 27.82 20.13
N VAL A 901 11.56 27.50 20.79
CA VAL A 901 11.22 28.09 22.08
C VAL A 901 11.45 27.04 23.17
N ARG A 902 12.21 27.41 24.19
CA ARG A 902 12.48 26.57 25.36
C ARG A 902 11.71 27.11 26.55
N MET A 903 10.91 26.25 27.19
CA MET A 903 9.94 26.71 28.18
C MET A 903 9.97 25.83 29.42
N ASP A 904 9.86 26.47 30.59
CA ASP A 904 9.85 25.77 31.87
C ASP A 904 8.43 25.43 32.28
N PRO A 905 8.07 24.14 32.41
CA PRO A 905 6.66 23.80 32.68
C PRO A 905 6.18 24.05 34.10
N TRP A 906 7.09 24.24 35.07
CA TRP A 906 6.65 24.58 36.41
C TRP A 906 6.27 26.06 36.51
N SER A 907 6.86 26.90 35.67
CA SER A 907 6.67 28.34 35.76
C SER A 907 5.96 28.92 34.55
N GLY A 908 6.40 28.57 33.35
CA GLY A 908 5.87 29.15 32.13
C GLY A 908 6.74 30.20 31.51
N SER A 909 8.00 30.31 31.91
CA SER A 909 8.92 31.26 31.32
C SER A 909 9.52 30.68 30.05
N ARG A 910 9.50 31.44 28.97
CA ARG A 910 9.92 30.95 27.66
C ARG A 910 11.26 31.55 27.28
N GLU A 911 12.01 30.85 26.44
CA GLU A 911 13.33 31.31 26.01
C GLU A 911 13.48 31.03 24.53
N LEU A 912 13.84 32.07 23.77
CA LEU A 912 14.03 31.94 22.33
C LEU A 912 15.42 31.43 22.04
N LEU A 913 15.51 30.39 21.21
CA LEU A 913 16.80 29.77 20.93
C LEU A 913 17.16 29.98 19.46
N PRO A 914 18.45 30.20 19.13
CA PRO A 914 18.82 30.45 17.72
C PRO A 914 19.01 29.20 16.88
N VAL A 915 17.91 28.46 16.69
CA VAL A 915 17.86 27.30 15.82
C VAL A 915 16.80 27.61 14.77
N PHE A 916 17.22 27.76 13.52
CA PHE A 916 16.37 28.36 12.49
C PHE A 916 15.88 27.30 11.51
N GLU A 917 14.65 27.53 11.02
CA GLU A 917 13.89 26.72 10.07
C GLU A 917 13.66 25.28 10.52
N ALA A 918 13.59 25.03 11.82
CA ALA A 918 13.41 23.68 12.30
C ALA A 918 11.94 23.30 12.28
N ASN A 919 11.66 22.09 11.82
CA ASN A 919 10.32 21.52 11.91
C ASN A 919 10.18 20.53 13.05
N PHE A 920 11.16 19.65 13.22
CA PHE A 920 11.13 18.63 14.25
C PHE A 920 12.40 18.72 15.09
N LEU A 921 12.28 18.36 16.36
CA LEU A 921 13.39 18.45 17.30
C LEU A 921 13.60 17.12 17.99
N ALA A 922 14.80 16.99 18.58
CA ALA A 922 15.14 16.00 19.59
C ALA A 922 16.34 16.55 20.35
N LEU A 923 16.51 16.11 21.58
CA LEU A 923 17.69 16.51 22.34
C LEU A 923 18.30 15.31 23.03
N ASP A 924 19.60 15.19 22.93
CA ASP A 924 20.38 14.16 23.61
C ASP A 924 20.59 14.56 25.06
N PRO A 925 20.11 13.77 26.03
CA PRO A 925 20.23 14.18 27.43
C PRO A 925 21.62 14.01 28.03
N ARG A 926 22.51 13.25 27.38
CA ARG A 926 23.82 12.99 27.97
C ARG A 926 24.76 14.18 27.85
N GLN A 927 24.65 14.96 26.77
CA GLN A 927 25.56 16.06 26.54
C GLN A 927 24.86 17.36 26.20
N GLY A 928 23.55 17.33 25.93
CA GLY A 928 22.80 18.54 25.72
C GLY A 928 22.71 19.04 24.30
N HIS A 929 23.06 18.24 23.30
CA HIS A 929 22.97 18.69 21.91
C HIS A 929 21.52 18.66 21.43
N LEU A 930 21.11 19.73 20.75
CA LEU A 930 19.78 19.81 20.18
C LEU A 930 19.85 19.39 18.72
N TYR A 931 19.17 18.29 18.40
CA TYR A 931 19.11 17.77 17.04
C TYR A 931 17.84 18.27 16.39
N TYR A 932 17.96 18.83 15.19
CA TYR A 932 16.83 19.48 14.56
C TYR A 932 16.74 19.07 13.10
N ALA A 933 15.52 19.13 12.57
CA ALA A 933 15.27 18.78 11.18
C ALA A 933 14.60 19.95 10.48
N THR A 934 15.21 20.40 9.40
CA THR A 934 14.64 21.33 8.43
C THR A 934 13.89 20.45 7.43
N SER A 935 13.07 21.03 6.54
CA SER A 935 12.56 20.28 5.39
C SER A 935 13.67 19.91 4.41
N SER A 936 14.72 20.71 4.32
CA SER A 936 15.90 20.38 3.54
C SER A 936 16.92 19.56 4.32
N GLN A 937 17.39 20.06 5.45
CA GLN A 937 18.56 19.47 6.09
C GLN A 937 18.22 18.86 7.45
N LEU A 938 19.18 18.09 7.97
CA LEU A 938 19.12 17.52 9.31
C LEU A 938 20.45 17.77 9.98
N SER A 939 20.43 18.47 11.12
CA SER A 939 21.66 18.98 11.69
C SER A 939 21.62 18.87 13.21
N ARG A 940 22.65 19.41 13.85
CA ARG A 940 22.82 19.37 15.30
C ARG A 940 23.26 20.74 15.78
N HIS A 941 22.59 21.28 16.79
CA HIS A 941 22.96 22.54 17.39
C HIS A 941 23.65 22.28 18.73
N GLY A 942 24.85 22.86 18.91
CA GLY A 942 25.57 22.76 20.14
C GLY A 942 25.62 24.08 20.90
N SER A 943 26.42 24.09 21.97
CA SER A 943 26.62 25.32 22.72
C SER A 943 27.52 26.29 21.96
N THR A 944 28.55 25.76 21.31
CA THR A 944 29.48 26.49 20.48
C THR A 944 29.20 26.15 19.01
N PRO A 945 29.56 27.02 18.05
CA PRO A 945 29.37 26.65 16.63
C PRO A 945 30.44 25.73 16.05
N ASP A 946 31.39 25.24 16.85
CA ASP A 946 32.29 24.18 16.37
C ASP A 946 31.58 22.83 16.32
N GLU A 947 30.52 22.65 17.10
CA GLU A 947 29.83 21.38 17.24
C GLU A 947 28.64 21.25 16.30
N ALA A 948 28.52 22.11 15.28
CA ALA A 948 27.41 22.04 14.35
C ALA A 948 27.71 21.02 13.27
N VAL A 949 27.07 19.85 13.34
CA VAL A 949 27.28 18.76 12.40
C VAL A 949 26.01 18.56 11.61
N THR A 950 26.11 18.64 10.29
CA THR A 950 24.97 18.39 9.41
C THR A 950 25.05 16.98 8.85
N TYR A 951 23.97 16.23 9.00
CA TYR A 951 23.95 14.81 8.70
C TYR A 951 23.33 14.49 7.33
N TYR A 952 22.40 15.30 6.86
CA TYR A 952 21.71 15.03 5.60
C TYR A 952 21.34 16.35 4.96
N ARG A 953 21.31 16.36 3.63
CA ARG A 953 20.78 17.48 2.83
C ARG A 953 20.02 16.88 1.65
N VAL A 954 18.84 17.42 1.36
CA VAL A 954 18.07 17.00 0.19
C VAL A 954 17.52 18.25 -0.48
N ASN A 955 17.46 18.23 -1.81
CA ASN A 955 16.82 19.29 -2.58
C ASN A 955 15.30 19.18 -2.39
N GLY A 956 14.63 20.34 -2.44
CA GLY A 956 13.20 20.37 -2.16
C GLY A 956 12.34 19.84 -3.30
N LEU A 957 12.90 19.81 -4.52
CA LEU A 957 12.20 19.17 -5.62
C LEU A 957 12.31 17.65 -5.51
N GLU A 958 13.38 17.15 -4.89
CA GLU A 958 13.53 15.72 -4.68
C GLU A 958 12.61 15.21 -3.58
N GLY A 959 12.50 15.98 -2.50
CA GLY A 959 11.62 15.59 -1.41
C GLY A 959 11.92 16.41 -0.17
N SER A 960 11.28 16.00 0.92
CA SER A 960 11.44 16.65 2.21
C SER A 960 11.51 15.61 3.31
N ILE A 961 12.11 15.98 4.44
CA ILE A 961 12.20 15.08 5.57
C ILE A 961 10.86 15.02 6.28
N ALA A 962 10.32 13.82 6.41
CA ALA A 962 8.98 13.63 6.98
C ALA A 962 8.97 13.60 8.50
N SER A 963 9.92 12.91 9.12
CA SER A 963 10.11 12.86 10.56
C SER A 963 11.54 12.42 10.82
N PHE A 964 11.99 12.56 12.08
CA PHE A 964 13.27 11.99 12.45
C PHE A 964 13.25 11.53 13.89
N VAL A 965 14.10 10.55 14.20
CA VAL A 965 14.25 9.93 15.52
C VAL A 965 15.72 9.94 15.91
N LEU A 966 16.04 10.53 17.05
CA LEU A 966 17.35 10.40 17.67
C LEU A 966 17.38 9.18 18.59
N ASP A 967 18.38 8.32 18.41
CA ASP A 967 18.60 7.17 19.28
C ASP A 967 19.79 7.60 20.12
N THR A 968 19.68 7.40 21.44
CA THR A 968 20.67 7.81 22.42
C THR A 968 21.59 6.65 22.80
N GLN A 969 21.03 5.46 22.96
CA GLN A 969 21.75 4.32 23.53
C GLN A 969 22.73 3.71 22.54
N GLN A 970 22.33 3.57 21.28
CA GLN A 970 23.19 2.99 20.25
C GLN A 970 23.88 4.05 19.41
N ASP A 971 23.67 5.34 19.72
CA ASP A 971 24.23 6.54 19.08
C ASP A 971 23.93 6.59 17.58
N GLN A 972 22.64 6.59 17.27
CA GLN A 972 22.16 6.46 15.90
C GLN A 972 21.12 7.54 15.64
N LEU A 973 20.89 7.82 14.36
CA LEU A 973 19.81 8.69 13.91
C LEU A 973 19.03 7.95 12.84
N PHE A 974 17.73 8.15 12.79
CA PHE A 974 16.89 7.68 11.69
C PHE A 974 16.04 8.83 11.22
N TRP A 975 15.73 8.87 9.92
CA TRP A 975 14.79 9.84 9.41
C TRP A 975 14.06 9.28 8.19
N LEU A 976 12.84 9.76 7.98
CA LEU A 976 12.03 9.43 6.82
C LEU A 976 12.06 10.59 5.84
N VAL A 977 12.26 10.29 4.57
CA VAL A 977 12.24 11.30 3.52
C VAL A 977 11.02 11.03 2.65
N LYS A 978 10.11 12.01 2.60
CA LYS A 978 8.91 11.91 1.75
C LYS A 978 9.31 12.35 0.35
N GLY A 979 9.55 11.39 -0.52
CA GLY A 979 9.98 11.67 -1.87
C GLY A 979 8.81 11.84 -2.83
N SER A 980 9.16 12.05 -4.10
CA SER A 980 8.17 12.16 -5.16
C SER A 980 7.71 10.75 -5.53
N GLY A 981 6.58 10.33 -4.96
CA GLY A 981 6.08 9.00 -5.16
C GLY A 981 6.85 7.91 -4.44
N ALA A 982 7.59 8.26 -3.39
CA ALA A 982 8.44 7.30 -2.70
C ALA A 982 8.55 7.70 -1.23
N LEU A 983 8.92 6.73 -0.40
CA LEU A 983 9.12 6.94 1.02
C LEU A 983 10.39 6.21 1.44
N ARG A 984 11.46 6.95 1.69
CA ARG A 984 12.76 6.40 1.97
C ARG A 984 13.11 6.54 3.44
N LEU A 985 13.90 5.60 3.96
CA LEU A 985 14.29 5.55 5.36
C LEU A 985 15.80 5.42 5.44
N TYR A 986 16.43 6.15 6.35
CA TYR A 986 17.88 6.25 6.37
C TYR A 986 18.42 5.99 7.77
N ARG A 987 19.74 6.03 7.90
CA ARG A 987 20.44 5.74 9.15
C ARG A 987 21.78 6.46 9.13
N ALA A 988 22.20 7.01 10.28
CA ALA A 988 23.50 7.64 10.43
C ALA A 988 23.97 7.55 11.88
N PRO A 989 25.28 7.50 12.12
CA PRO A 989 25.77 7.57 13.50
C PRO A 989 25.80 8.99 14.04
N LEU A 990 26.22 9.11 15.30
CA LEU A 990 26.27 10.40 15.98
C LEU A 990 27.67 10.97 16.11
N THR A 991 28.62 10.48 15.32
CA THR A 991 29.96 11.05 15.35
C THR A 991 29.98 12.39 14.62
N ALA A 992 30.96 13.24 14.98
CA ALA A 992 31.13 14.52 14.30
C ALA A 992 31.67 14.33 12.90
N GLY A 993 32.60 13.39 12.73
CA GLY A 993 32.98 12.93 11.41
C GLY A 993 32.20 11.67 11.08
N GLY A 994 31.25 11.77 10.15
CA GLY A 994 30.34 10.69 9.82
C GLY A 994 30.98 9.51 9.12
N ASP A 995 30.78 8.31 9.66
CA ASP A 995 31.41 7.12 9.12
C ASP A 995 30.71 6.63 7.86
N SER A 996 29.39 6.48 7.93
CA SER A 996 28.62 5.97 6.80
C SER A 996 27.20 6.48 6.89
N LEU A 997 26.42 6.20 5.85
CA LEU A 997 25.02 6.56 5.76
C LEU A 997 24.31 5.51 4.93
N GLN A 998 23.38 4.79 5.55
CA GLN A 998 22.72 3.66 4.91
C GLN A 998 21.26 3.99 4.68
N MET A 999 20.83 3.92 3.41
CA MET A 999 19.41 3.94 3.11
C MET A 999 18.84 2.56 3.47
N ILE A 1000 17.89 2.54 4.40
CA ILE A 1000 17.43 1.27 4.95
C ILE A 1000 16.43 0.61 4.03
N GLN A 1001 15.32 1.28 3.73
CA GLN A 1001 14.24 0.66 2.99
C GLN A 1001 13.48 1.76 2.26
N GLN A 1002 12.95 1.44 1.08
CA GLN A 1002 12.19 2.36 0.26
C GLN A 1002 10.83 1.75 -0.06
N ILE A 1003 9.77 2.51 0.16
CA ILE A 1003 8.42 2.14 -0.26
C ILE A 1003 8.06 2.98 -1.47
N LYS A 1004 7.84 2.32 -2.61
CA LYS A 1004 7.44 3.00 -3.84
C LYS A 1004 5.92 2.93 -3.94
N GLY A 1005 5.25 4.02 -3.62
CA GLY A 1005 3.80 4.05 -3.68
C GLY A 1005 3.27 5.44 -3.40
N VAL A 1006 1.95 5.56 -3.53
CA VAL A 1006 1.29 6.85 -3.29
C VAL A 1006 1.00 7.01 -1.80
N PHE A 1007 0.99 5.90 -1.06
CA PHE A 1007 0.74 5.95 0.39
C PHE A 1007 2.02 6.36 1.11
N GLN A 1008 1.91 7.38 1.95
CA GLN A 1008 3.06 7.94 2.63
C GLN A 1008 2.73 8.13 4.10
N ALA A 1009 3.70 8.68 4.84
CA ALA A 1009 3.61 8.75 6.29
C ALA A 1009 2.97 10.05 6.75
N VAL A 1010 2.38 10.00 7.94
CA VAL A 1010 2.06 11.21 8.69
C VAL A 1010 3.38 11.86 9.13
N PRO A 1011 3.54 13.18 8.97
CA PRO A 1011 4.73 13.85 9.51
C PRO A 1011 4.71 13.88 11.04
N ASP A 1012 5.92 13.78 11.60
CA ASP A 1012 6.22 13.59 13.04
C ASP A 1012 5.47 12.38 13.62
N SER A 1013 5.55 11.25 12.91
CA SER A 1013 4.93 10.02 13.37
C SER A 1013 5.90 8.84 13.41
N LEU A 1014 7.17 9.06 13.08
CA LEU A 1014 8.17 8.00 13.20
C LEU A 1014 8.53 7.82 14.66
N GLN A 1015 8.46 6.58 15.12
CA GLN A 1015 8.79 6.23 16.50
C GLN A 1015 9.80 5.11 16.47
N LEU A 1016 10.62 5.02 17.51
CA LEU A 1016 11.57 3.92 17.64
C LEU A 1016 11.05 2.92 18.66
N LEU A 1017 10.98 1.66 18.25
CA LEU A 1017 10.60 0.58 19.15
C LEU A 1017 11.90 -0.03 19.67
N ARG A 1018 12.39 0.52 20.78
CA ARG A 1018 13.60 0.01 21.40
C ARG A 1018 13.54 -1.41 22.00
N PRO A 1019 12.39 -1.98 22.44
CA PRO A 1019 12.39 -3.44 22.66
C PRO A 1019 12.52 -4.27 21.39
N LEU A 1020 11.75 -3.98 20.34
CA LEU A 1020 11.81 -4.77 19.11
C LEU A 1020 13.06 -4.49 18.29
N GLY A 1021 13.63 -3.28 18.40
CA GLY A 1021 14.70 -2.90 17.51
C GLY A 1021 14.11 -2.58 16.15
N ALA A 1022 13.12 -1.70 16.14
CA ALA A 1022 12.35 -1.44 14.94
C ALA A 1022 11.91 0.02 14.91
N LEU A 1023 11.48 0.44 13.73
CA LEU A 1023 10.94 1.77 13.52
C LEU A 1023 9.47 1.67 13.10
N LEU A 1024 8.67 2.59 13.60
CA LEU A 1024 7.23 2.52 13.41
C LEU A 1024 6.70 3.89 13.01
N TRP A 1025 5.96 3.94 11.90
CA TRP A 1025 5.30 5.17 11.48
C TRP A 1025 3.86 4.85 11.11
N LEU A 1026 3.03 5.90 11.12
CA LEU A 1026 1.62 5.80 10.79
C LEU A 1026 1.41 6.35 9.38
N GLU A 1027 0.61 5.65 8.59
CA GLU A 1027 0.36 6.07 7.22
C GLU A 1027 -0.65 7.20 7.17
N ARG A 1028 -0.71 7.88 6.02
CA ARG A 1028 -1.44 9.14 5.89
C ARG A 1028 -2.95 8.94 5.86
N SER A 1029 -3.40 7.74 5.49
CA SER A 1029 -4.82 7.43 5.55
C SER A 1029 -5.29 7.26 6.99
N GLY A 1030 -4.39 6.85 7.87
CA GLY A 1030 -4.71 6.69 9.27
C GLY A 1030 -5.34 5.37 9.65
N ARG A 1031 -5.45 4.44 8.70
CA ARG A 1031 -6.07 3.15 8.96
C ARG A 1031 -5.07 2.01 9.00
N ARG A 1032 -3.78 2.29 8.86
CA ARG A 1032 -2.74 1.28 8.97
C ARG A 1032 -1.45 1.95 9.43
N ALA A 1033 -0.52 1.14 9.93
CA ALA A 1033 0.78 1.58 10.36
C ALA A 1033 1.83 0.59 9.87
N ARG A 1034 3.05 1.07 9.66
CA ARG A 1034 4.11 0.26 9.08
C ARG A 1034 5.24 0.09 10.08
N LEU A 1035 5.78 -1.13 10.16
CA LEU A 1035 6.88 -1.47 11.03
C LEU A 1035 8.02 -2.03 10.19
N VAL A 1036 9.21 -1.46 10.36
CA VAL A 1036 10.42 -1.98 9.72
C VAL A 1036 11.39 -2.36 10.82
N ARG A 1037 11.73 -3.64 10.90
CA ARG A 1037 12.73 -4.10 11.84
C ARG A 1037 14.12 -3.79 11.30
N LEU A 1038 15.05 -3.50 12.21
CA LEU A 1038 16.40 -3.12 11.79
C LEU A 1038 17.22 -4.34 11.37
N ALA A 1039 16.90 -5.51 11.91
CA ALA A 1039 17.61 -6.72 11.51
C ALA A 1039 17.12 -7.23 10.15
N ALA A 1040 15.82 -7.13 9.89
CA ALA A 1040 15.23 -7.57 8.62
C ALA A 1040 14.49 -6.39 8.01
N PRO A 1041 15.18 -5.57 7.21
CA PRO A 1041 14.53 -4.37 6.66
C PRO A 1041 13.58 -4.63 5.51
N LEU A 1042 13.69 -5.80 4.85
CA LEU A 1042 12.92 -6.03 3.63
C LEU A 1042 11.46 -6.36 3.93
N ASP A 1043 11.20 -6.97 5.08
CA ASP A 1043 9.83 -7.30 5.49
C ASP A 1043 9.26 -6.12 6.27
N VAL A 1044 8.32 -5.40 5.65
CA VAL A 1044 7.66 -4.25 6.25
C VAL A 1044 6.33 -4.73 6.80
N MET A 1045 6.22 -4.82 8.12
CA MET A 1045 5.03 -5.36 8.73
C MET A 1045 3.91 -4.32 8.77
N GLU A 1046 2.70 -4.77 8.51
CA GLU A 1046 1.50 -3.95 8.51
C GLU A 1046 0.74 -4.24 9.79
N LEU A 1047 0.36 -3.18 10.50
CA LEU A 1047 -0.42 -3.37 11.71
C LEU A 1047 -1.73 -2.62 11.53
N PRO A 1048 -2.88 -3.28 11.61
CA PRO A 1048 -4.15 -2.57 11.41
C PRO A 1048 -4.54 -1.71 12.61
N THR A 1049 -5.09 -0.56 12.29
CA THR A 1049 -5.59 0.36 13.31
C THR A 1049 -6.90 -0.18 13.89
N PRO A 1050 -7.09 -0.16 15.21
CA PRO A 1050 -8.34 -0.67 15.80
C PRO A 1050 -9.55 0.20 15.52
N ASP A 1051 -10.75 -0.38 15.68
CA ASP A 1051 -11.94 0.14 15.02
C ASP A 1051 -12.53 1.34 15.76
N GLN A 1052 -12.28 1.44 17.07
CA GLN A 1052 -12.80 2.58 17.83
C GLN A 1052 -11.87 3.79 17.78
N ALA A 1053 -10.74 3.68 17.08
CA ALA A 1053 -9.90 4.83 16.76
C ALA A 1053 -9.45 4.77 15.31
N SER A 1054 -10.37 4.45 14.39
CA SER A 1054 -10.00 3.93 13.06
C SER A 1054 -9.46 4.96 12.07
N PRO A 1055 -9.88 6.26 12.04
CA PRO A 1055 -8.95 7.25 11.51
C PRO A 1055 -8.03 7.75 12.62
N ALA A 1056 -6.74 7.39 12.52
CA ALA A 1056 -5.78 7.68 13.56
C ALA A 1056 -4.79 8.73 13.07
N SER A 1057 -4.36 9.60 13.99
CA SER A 1057 -3.37 10.60 13.66
C SER A 1057 -2.12 10.53 14.52
N ALA A 1058 -2.10 9.68 15.53
CA ALA A 1058 -0.93 9.52 16.39
C ALA A 1058 -0.80 8.07 16.83
N LEU A 1059 0.44 7.59 16.80
CA LEU A 1059 0.78 6.28 17.35
C LEU A 1059 2.08 6.42 18.11
N GLN A 1060 2.13 5.83 19.30
CA GLN A 1060 3.24 6.05 20.21
C GLN A 1060 3.41 4.86 21.14
N LEU A 1061 4.57 4.22 21.11
CA LEU A 1061 4.85 3.18 22.09
C LEU A 1061 5.17 3.81 23.43
N LEU A 1062 4.48 3.37 24.47
CA LEU A 1062 4.63 3.95 25.79
C LEU A 1062 5.91 3.45 26.45
N ASP A 1063 6.55 4.35 27.19
CA ASP A 1063 7.70 3.99 27.99
C ASP A 1063 7.23 3.19 29.21
N PRO A 1064 7.77 2.00 29.47
CA PRO A 1064 7.33 1.24 30.64
C PRO A 1064 7.84 1.80 31.96
N GLN A 1065 9.07 2.30 31.98
CA GLN A 1065 9.62 3.02 33.11
C GLN A 1065 9.04 4.43 33.16
N PRO A 1066 8.91 5.05 34.34
CA PRO A 1066 8.50 6.46 34.39
C PRO A 1066 9.62 7.38 33.98
N LEU A 1067 9.26 8.65 33.77
CA LEU A 1067 10.25 9.66 33.42
C LEU A 1067 11.09 10.00 34.64
N PRO A 1068 12.41 10.17 34.49
CA PRO A 1068 13.23 10.60 35.61
C PRO A 1068 12.98 12.07 35.91
N PRO A 1069 13.21 12.52 37.14
CA PRO A 1069 12.97 13.93 37.47
C PRO A 1069 14.12 14.83 37.00
N ARG A 1070 14.02 16.10 37.40
CA ARG A 1070 15.00 17.09 37.00
C ARG A 1070 16.30 16.89 37.75
N ASP A 1071 17.41 16.92 37.02
CA ASP A 1071 18.72 16.86 37.62
C ASP A 1071 19.03 18.21 38.25
N GLU A 1072 19.46 18.19 39.51
CA GLU A 1072 20.00 19.37 40.16
C GLU A 1072 21.46 19.60 39.80
N GLY A 1073 22.10 18.61 39.18
CA GLY A 1073 23.47 18.70 38.72
C GLY A 1073 23.65 19.31 37.35
N VAL A 1074 22.57 19.75 36.70
CA VAL A 1074 22.68 20.54 35.49
C VAL A 1074 22.27 21.98 35.70
N ILE A 1075 21.72 22.31 36.87
CA ILE A 1075 21.35 23.69 37.19
C ILE A 1075 22.61 24.45 37.60
N PRO A 1076 22.95 25.55 36.94
CA PRO A 1076 24.07 26.37 37.41
C PRO A 1076 23.66 27.17 38.64
N MET A 1077 24.59 27.29 39.58
CA MET A 1077 24.30 28.07 40.78
C MET A 1077 24.43 29.55 40.48
N THR A 1078 23.79 30.36 41.32
CA THR A 1078 23.82 31.80 41.14
C THR A 1078 25.18 32.36 41.57
N VAL A 1079 25.73 33.23 40.73
CA VAL A 1079 26.97 33.93 41.04
C VAL A 1079 26.68 34.94 42.15
N LEU A 1080 27.53 34.96 43.18
CA LEU A 1080 27.33 35.80 44.35
C LEU A 1080 27.53 37.27 44.02
N PRO A 1081 26.71 38.18 44.58
CA PRO A 1081 26.83 39.60 44.20
C PRO A 1081 28.03 40.31 44.81
N ASP A 1082 28.58 39.78 45.89
CA ASP A 1082 29.77 40.40 46.48
C ASP A 1082 31.05 39.92 45.82
N SER A 1083 30.98 38.89 44.97
CA SER A 1083 32.19 38.34 44.37
C SER A 1083 32.54 39.05 43.07
N VAL A 1084 31.63 39.88 42.55
CA VAL A 1084 31.90 40.61 41.32
C VAL A 1084 32.77 41.81 41.62
N ARG A 1085 34.01 41.79 41.13
CA ARG A 1085 34.99 42.83 41.42
C ARG A 1085 35.75 43.15 40.15
N LEU A 1086 36.40 44.32 40.16
CA LEU A 1086 37.22 44.76 39.05
C LEU A 1086 38.69 44.62 39.43
N ASP A 1087 39.46 43.97 38.57
CA ASP A 1087 40.90 43.87 38.77
C ASP A 1087 41.55 45.22 38.47
N ASP A 1088 42.69 45.48 39.12
CA ASP A 1088 43.37 46.76 38.95
C ASP A 1088 44.09 46.82 37.62
N GLY A 1089 43.77 47.85 36.83
CA GLY A 1089 44.37 48.00 35.52
C GLY A 1089 44.13 49.40 34.99
N HIS A 1090 44.51 49.59 33.73
CA HIS A 1090 44.37 50.88 33.09
C HIS A 1090 42.95 51.09 32.58
N TRP A 1091 42.70 52.30 32.04
CA TRP A 1091 41.38 52.63 31.53
C TRP A 1091 41.13 51.97 30.17
N ASP A 1092 42.19 51.66 29.44
CA ASP A 1092 42.04 50.99 28.15
C ASP A 1092 41.72 49.51 28.32
N ASP A 1093 42.30 48.87 29.35
CA ASP A 1093 42.13 47.44 29.59
C ASP A 1093 41.66 47.25 31.03
N PHE A 1094 40.37 47.00 31.21
CA PHE A 1094 39.81 46.62 32.50
C PHE A 1094 39.53 45.12 32.50
N HIS A 1095 39.47 44.55 33.70
CA HIS A 1095 39.13 43.15 33.90
C HIS A 1095 38.16 43.02 35.06
N VAL A 1096 36.94 42.60 34.76
CA VAL A 1096 35.95 42.30 35.79
C VAL A 1096 35.90 40.79 35.98
N ARG A 1097 36.00 40.35 37.24
CA ARG A 1097 36.07 38.95 37.59
C ARG A 1097 34.98 38.63 38.62
N TRP A 1098 34.63 37.35 38.71
CA TRP A 1098 33.59 36.90 39.62
C TRP A 1098 33.92 35.49 40.08
N GLN A 1099 33.13 34.98 41.01
CA GLN A 1099 33.30 33.60 41.48
C GLN A 1099 32.80 32.64 40.41
N PRO A 1100 33.55 31.57 40.09
CA PRO A 1100 33.11 30.64 39.05
C PRO A 1100 31.95 29.77 39.52
N SER A 1101 30.81 29.92 38.86
CA SER A 1101 29.62 29.15 39.15
C SER A 1101 29.78 27.72 38.66
N THR A 1102 29.25 26.80 39.45
CA THR A 1102 29.37 25.38 39.15
C THR A 1102 28.00 24.73 39.31
N SER A 1103 27.96 23.43 39.06
CA SER A 1103 26.76 22.64 39.28
C SER A 1103 27.10 21.42 40.13
N GLY A 1104 26.13 20.53 40.29
CA GLY A 1104 26.37 19.31 41.04
C GLY A 1104 27.24 18.33 40.28
N GLY A 1105 26.82 17.97 39.06
CA GLY A 1105 27.74 17.38 38.12
C GLY A 1105 28.62 18.45 37.53
N ASN A 1106 29.91 18.16 37.42
CA ASN A 1106 30.90 19.16 37.02
C ASN A 1106 30.89 19.36 35.50
N HIS A 1107 29.91 20.13 35.03
CA HIS A 1107 29.76 20.45 33.62
C HIS A 1107 30.38 21.81 33.33
N SER A 1108 30.52 22.09 32.03
CA SER A 1108 31.06 23.37 31.60
C SER A 1108 30.00 24.46 31.71
N VAL A 1109 30.31 25.49 32.47
CA VAL A 1109 29.38 26.60 32.71
C VAL A 1109 29.86 27.79 31.91
N SER A 1110 29.02 28.24 30.98
CA SER A 1110 29.30 29.43 30.17
C SER A 1110 28.55 30.62 30.73
N TYR A 1111 28.98 31.81 30.32
CA TYR A 1111 28.45 33.06 30.85
C TYR A 1111 28.05 33.99 29.72
N ARG A 1112 26.84 34.53 29.80
CA ARG A 1112 26.39 35.59 28.93
C ARG A 1112 26.33 36.89 29.73
N LEU A 1113 26.91 37.94 29.17
CA LEU A 1113 27.29 39.14 29.90
C LEU A 1113 26.66 40.37 29.26
N LEU A 1114 26.26 41.33 30.08
CA LEU A 1114 25.67 42.58 29.62
C LEU A 1114 26.40 43.74 30.28
N LEU A 1115 26.82 44.71 29.46
CA LEU A 1115 27.50 45.91 29.96
C LEU A 1115 26.58 47.09 29.68
N GLU A 1116 26.13 47.77 30.73
CA GLU A 1116 25.30 48.96 30.59
C GLU A 1116 26.01 50.16 31.19
N PHE A 1117 26.68 50.92 30.34
CA PHE A 1117 27.34 52.16 30.74
C PHE A 1117 26.91 53.28 29.79
N GLY A 1118 26.45 54.39 30.36
CA GLY A 1118 26.07 55.56 29.57
C GLY A 1118 24.76 55.36 28.83
N GLN A 1119 24.86 55.44 27.50
CA GLN A 1119 23.71 55.10 26.66
C GLN A 1119 23.96 53.80 25.89
N ARG A 1120 25.22 53.53 25.56
CA ARG A 1120 25.55 52.38 24.74
C ARG A 1120 25.57 51.09 25.55
N LEU A 1121 25.55 49.96 24.84
CA LEU A 1121 25.53 48.65 25.45
C LEU A 1121 26.61 47.78 24.81
N GLN A 1122 27.02 46.73 25.52
CA GLN A 1122 28.00 45.78 25.02
C GLN A 1122 27.67 44.41 25.60
N THR A 1123 27.56 43.40 24.73
CA THR A 1123 27.27 42.03 25.14
C THR A 1123 28.41 41.12 24.75
N LEU A 1124 28.78 40.20 25.64
CA LEU A 1124 29.78 39.18 25.37
C LEU A 1124 29.23 37.81 25.78
N ASP A 1125 29.68 36.77 25.08
CA ASP A 1125 29.45 35.39 25.47
C ASP A 1125 30.81 34.83 25.87
N LEU A 1126 30.89 34.27 27.08
CA LEU A 1126 32.18 33.88 27.64
C LEU A 1126 32.12 32.44 28.12
N SER A 1127 33.28 31.78 28.05
CA SER A 1127 33.48 30.47 28.66
C SER A 1127 34.42 30.55 29.85
N THR A 1128 34.85 31.74 30.23
CA THR A 1128 35.79 32.00 31.31
C THR A 1128 35.09 32.78 32.40
N PRO A 1129 35.53 32.67 33.66
CA PRO A 1129 34.95 33.52 34.71
C PRO A 1129 35.52 34.93 34.81
N PHE A 1130 36.39 35.34 33.88
CA PHE A 1130 36.86 36.71 33.77
C PHE A 1130 36.40 37.27 32.43
N ALA A 1131 36.42 38.60 32.32
CA ALA A 1131 36.04 39.28 31.10
C ALA A 1131 37.20 40.17 30.65
N ARG A 1132 37.83 39.82 29.54
CA ARG A 1132 38.82 40.68 28.92
C ARG A 1132 38.12 41.83 28.23
N LEU A 1133 38.12 43.00 28.88
CA LEU A 1133 37.27 44.12 28.48
C LEU A 1133 38.14 45.22 27.87
N THR A 1134 37.75 45.70 26.70
CA THR A 1134 38.38 46.83 26.04
C THR A 1134 37.30 47.83 25.66
N GLN A 1135 37.74 48.88 24.95
CA GLN A 1135 36.97 49.98 24.34
C GLN A 1135 36.14 50.78 25.33
N LEU A 1136 36.55 50.89 26.60
CA LEU A 1136 35.90 51.81 27.51
C LEU A 1136 36.35 53.23 27.20
N PRO A 1137 35.45 54.24 27.27
CA PRO A 1137 35.85 55.60 26.88
C PRO A 1137 36.78 56.32 27.86
N GLN A 1138 36.44 56.34 29.16
CA GLN A 1138 37.18 57.14 30.12
C GLN A 1138 36.98 56.62 31.54
N ALA A 1139 37.45 57.39 32.52
CA ALA A 1139 37.19 57.09 33.93
C ALA A 1139 35.90 57.76 34.38
N GLN A 1140 35.62 57.60 35.69
CA GLN A 1140 34.39 58.03 36.40
C GLN A 1140 33.13 57.47 35.74
N LEU A 1141 33.17 56.19 35.39
CA LEU A 1141 32.11 55.53 34.63
C LEU A 1141 31.34 54.60 35.56
N GLN A 1142 30.03 54.81 35.65
CA GLN A 1142 29.16 53.95 36.44
C GLN A 1142 28.73 52.79 35.56
N LEU A 1143 29.01 51.56 36.01
CA LEU A 1143 29.05 50.40 35.15
C LEU A 1143 28.16 49.30 35.72
N LYS A 1144 27.16 48.87 34.96
CA LYS A 1144 26.19 47.90 35.44
C LYS A 1144 26.46 46.54 34.81
N ILE A 1145 26.51 45.50 35.64
CA ILE A 1145 27.02 44.19 35.27
C ILE A 1145 25.91 43.17 35.43
N SER A 1146 25.68 42.36 34.40
CA SER A 1146 24.72 41.26 34.46
C SER A 1146 25.43 39.95 34.14
N ILE A 1147 25.31 38.97 35.03
CA ILE A 1147 25.89 37.64 34.86
C ILE A 1147 24.75 36.65 34.68
N THR A 1148 24.71 35.97 33.54
CA THR A 1148 23.78 34.86 33.38
C THR A 1148 24.60 33.60 33.16
N PRO A 1149 24.77 32.76 34.18
CA PRO A 1149 25.42 31.46 33.96
C PRO A 1149 24.46 30.50 33.27
N ARG A 1150 25.03 29.58 32.48
CA ARG A 1150 24.21 28.62 31.77
C ARG A 1150 24.99 27.32 31.60
N THR A 1151 24.27 26.25 31.35
CA THR A 1151 24.83 24.95 31.02
C THR A 1151 24.13 24.61 29.69
N ALA A 1152 24.37 23.44 29.10
CA ALA A 1152 23.74 23.08 27.83
C ALA A 1152 22.27 22.72 28.01
N TRP A 1153 21.85 22.39 29.24
CA TRP A 1153 20.45 22.05 29.47
C TRP A 1153 19.64 23.25 29.97
N ARG A 1154 20.23 24.07 30.83
CA ARG A 1154 19.44 25.06 31.56
C ARG A 1154 20.30 26.25 31.94
N SER A 1155 19.75 27.45 31.71
CA SER A 1155 20.36 28.69 32.17
C SER A 1155 20.01 28.96 33.63
N GLY A 1156 20.84 29.76 34.29
CA GLY A 1156 20.66 30.10 35.68
C GLY A 1156 20.07 31.48 35.87
N ASP A 1157 19.98 31.88 37.13
CA ASP A 1157 19.44 33.19 37.48
C ASP A 1157 20.45 34.29 37.19
N THR A 1158 19.96 35.52 37.15
CA THR A 1158 20.76 36.67 36.72
C THR A 1158 21.26 37.44 37.93
N THR A 1159 22.56 37.72 37.97
CA THR A 1159 23.18 38.50 39.03
C THR A 1159 23.41 39.92 38.54
N ARG A 1160 22.71 40.87 39.14
CA ARG A 1160 22.76 42.27 38.73
C ARG A 1160 23.39 43.09 39.84
N VAL A 1161 24.62 43.56 39.63
CA VAL A 1161 25.35 44.37 40.60
C VAL A 1161 25.61 45.73 39.99
N GLN A 1162 26.04 46.68 40.84
CA GLN A 1162 26.43 48.03 40.41
C GLN A 1162 27.86 48.28 40.89
N LEU A 1163 28.77 48.52 39.95
CA LEU A 1163 30.19 48.61 40.22
C LEU A 1163 30.75 49.88 39.58
N THR A 1164 31.46 50.69 40.38
CA THR A 1164 32.10 51.90 39.88
C THR A 1164 33.58 51.62 39.61
N THR A 1165 34.07 52.10 38.48
CA THR A 1165 35.47 51.90 38.11
C THR A 1165 36.39 52.86 38.88
C1 NAG B . 3.18 17.45 37.22
C2 NAG B . 2.98 17.41 38.75
C3 NAG B . 2.45 18.74 39.34
C4 NAG B . 2.86 20.08 38.68
C5 NAG B . 2.94 19.93 37.15
C6 NAG B . 3.61 21.09 36.45
C7 NAG B . 2.57 15.21 39.80
C8 NAG B . 1.48 14.22 40.13
N2 NAG B . 2.15 16.32 39.15
O3 NAG B . 2.79 18.77 40.71
O4 NAG B . 1.89 21.03 39.08
O5 NAG B . 3.70 18.74 36.94
O6 NAG B . 3.82 20.84 35.07
O7 NAG B . 3.74 15.02 40.10
C1 NAG B . 2.42 22.11 39.87
C2 NAG B . 1.57 23.34 39.51
C3 NAG B . 1.40 24.30 40.71
C4 NAG B . 1.08 23.64 42.04
C5 NAG B . 2.25 22.69 42.35
C6 NAG B . 2.06 21.91 43.63
C7 NAG B . 1.53 24.56 37.37
C8 NAG B . 2.39 25.26 36.33
N2 NAG B . 2.19 24.04 38.42
O3 NAG B . 0.39 25.20 40.33
O4 NAG B . 0.92 24.63 43.03
O5 NAG B . 2.40 21.77 41.26
O6 NAG B . 0.69 21.79 43.95
O7 NAG B . 0.33 24.51 37.23
C1 NAG C . 12.18 -24.73 -15.37
C2 NAG C . 12.26 -25.10 -13.86
C3 NAG C . 12.83 -23.87 -13.12
C4 NAG C . 14.22 -23.43 -13.62
C5 NAG C . 14.17 -23.22 -15.14
C6 NAG C . 15.52 -23.05 -15.76
C7 NAG C . 10.76 -26.64 -12.57
C8 NAG C . 11.85 -27.69 -12.43
N2 NAG C . 11.03 -25.50 -13.24
O3 NAG C . 12.85 -24.17 -11.75
O4 NAG C . 14.57 -22.26 -12.92
O5 NAG C . 13.49 -24.32 -15.78
O6 NAG C . 15.39 -22.67 -17.11
O7 NAG C . 9.65 -26.85 -12.09
C1 NAG D . 32.79 17.33 40.99
C2 NAG D . 32.51 15.86 41.39
C3 NAG D . 32.70 15.71 42.92
C4 NAG D . 34.02 16.27 43.48
C5 NAG D . 34.22 17.71 42.97
C6 NAG D . 35.56 18.30 43.32
C7 NAG D . 30.92 14.68 39.92
C8 NAG D . 29.47 14.36 39.70
N2 NAG D . 31.19 15.45 40.99
O3 NAG D . 32.56 14.34 43.22
O4 NAG D . 33.94 16.22 44.88
O5 NAG D . 34.05 17.73 41.55
O6 NAG D . 36.59 17.42 42.92
O7 NAG D . 31.79 14.27 39.17
#